data_5YOA
#
_entry.id   5YOA
#
_cell.length_a   87.657
_cell.length_b   121.111
_cell.length_c   166.490
_cell.angle_alpha   90.000
_cell.angle_beta   90.000
_cell.angle_gamma   90.000
#
_symmetry.space_group_name_H-M   'C 2 2 21'
#
loop_
_entity.id
_entity.type
_entity.pdbx_description
1 polymer '3-Oxoacyl-[acyl-carrier-(ACP)] synthase III C terminal family protein'
2 non-polymer 'OCTANOYL-COENZYME A'
3 water water
#
_entity_poly.entity_id   1
_entity_poly.type   'polypeptide(L)'
_entity_poly.pdbx_seq_one_letter_code
;MGIRITGTGLFHPTEIISNEELADSLNAYVEQYNQENAEKIAAGELEELRGSSAEFIEKASGIKRRYVIEKSGILDPTRL
RPRLSERSNDELSIQAEWGVIAAKQAMENAGVTAEDIDVVILACSNMQRAYPAVAIEIQSALGIQGYAYDMNVAASAATF
GLKQAADAIRSGARRVLLVNVEITSGHLDYRNRDCHFIFGDVATASIIEETTTKTGFEILDIHLFTQFSNNIRNNFGFLN
RSEDAVVDDKLFRQDGRKVFKDVAPLVAKIINAQLEKMQLTANDIKRFWLHQANANMNELILKYVAGKDADLSRAPIILD
EFANTSSAGVIIALHRTGHEVDDGEYGVISSFGAGYSVGSIVVQKHVA
;
_entity_poly.pdbx_strand_id   A,B
#
# COMPACT_ATOMS: atom_id res chain seq x y z
N MET A 1 17.11 -15.00 -14.92
CA MET A 1 17.89 -16.23 -14.75
C MET A 1 18.35 -16.43 -13.33
N GLY A 2 18.16 -17.63 -12.79
CA GLY A 2 18.60 -17.93 -11.46
C GLY A 2 17.76 -17.34 -10.35
N ILE A 3 16.59 -16.79 -10.65
CA ILE A 3 15.70 -16.25 -9.63
C ILE A 3 14.58 -17.25 -9.40
N ARG A 4 14.53 -17.83 -8.20
CA ARG A 4 13.65 -18.95 -7.92
C ARG A 4 12.81 -18.71 -6.68
N ILE A 5 11.59 -19.25 -6.71
CA ILE A 5 10.76 -19.38 -5.51
C ILE A 5 11.18 -20.67 -4.83
N THR A 6 11.84 -20.55 -3.69
CA THR A 6 12.46 -21.69 -3.00
C THR A 6 11.69 -22.17 -1.79
N GLY A 7 10.61 -21.48 -1.39
CA GLY A 7 9.83 -21.88 -0.24
C GLY A 7 8.53 -21.12 -0.16
N THR A 8 7.46 -21.76 0.31
CA THR A 8 6.21 -21.08 0.58
C THR A 8 5.68 -21.53 1.94
N GLY A 9 4.83 -20.69 2.52
CA GLY A 9 4.25 -20.97 3.82
C GLY A 9 2.77 -20.60 3.84
N LEU A 10 2.01 -21.33 4.65
CA LEU A 10 0.58 -21.18 4.72
C LEU A 10 0.15 -21.09 6.17
N PHE A 11 -0.71 -20.14 6.51
CA PHE A 11 -1.40 -20.14 7.77
C PHE A 11 -2.87 -19.82 7.56
N HIS A 12 -3.75 -20.53 8.24
CA HIS A 12 -5.16 -20.14 8.24
C HIS A 12 -5.70 -20.26 9.66
N PRO A 13 -6.69 -19.44 10.02
CA PRO A 13 -7.33 -19.60 11.34
C PRO A 13 -8.04 -20.94 11.44
N THR A 14 -8.29 -21.39 12.68
CA THR A 14 -8.81 -22.74 12.87
C THR A 14 -10.31 -22.84 12.60
N GLU A 15 -11.08 -21.78 12.83
CA GLU A 15 -12.53 -21.91 12.69
C GLU A 15 -12.96 -21.93 11.23
N ILE A 16 -14.03 -22.68 10.97
CA ILE A 16 -14.49 -22.97 9.62
C ILE A 16 -15.96 -22.61 9.55
N ILE A 17 -16.38 -22.04 8.43
CA ILE A 17 -17.78 -21.75 8.18
C ILE A 17 -18.16 -22.46 6.89
N SER A 18 -19.13 -23.36 6.98
CA SER A 18 -19.66 -24.06 5.82
C SER A 18 -20.67 -23.19 5.09
N ASN A 19 -20.85 -23.49 3.81
CA ASN A 19 -21.88 -22.80 3.04
C ASN A 19 -23.21 -22.82 3.78
N GLU A 20 -23.60 -24.00 4.28
CA GLU A 20 -24.89 -24.16 4.95
C GLU A 20 -24.99 -23.25 6.17
N GLU A 21 -23.94 -23.22 6.99
CA GLU A 21 -23.91 -22.29 8.12
C GLU A 21 -24.01 -20.85 7.66
N LEU A 22 -23.35 -20.52 6.53
CA LEU A 22 -23.35 -19.14 6.05
C LEU A 22 -24.73 -18.75 5.54
N ALA A 23 -25.37 -19.64 4.78
CA ALA A 23 -26.70 -19.37 4.27
C ALA A 23 -27.74 -19.29 5.39
N ASP A 24 -27.63 -20.14 6.41
CA ASP A 24 -28.59 -20.08 7.52
C ASP A 24 -28.46 -18.75 8.25
N SER A 25 -27.24 -18.25 8.40
CA SER A 25 -27.03 -16.97 9.06
C SER A 25 -27.63 -15.83 8.25
N LEU A 26 -27.33 -15.79 6.94
CA LEU A 26 -27.89 -14.72 6.11
C LEU A 26 -29.41 -14.80 6.09
N ASN A 27 -29.95 -16.00 5.90
CA ASN A 27 -31.40 -16.17 5.83
C ASN A 27 -32.08 -15.72 7.12
N ALA A 28 -31.43 -15.86 8.26
CA ALA A 28 -32.02 -15.35 9.50
C ALA A 28 -32.06 -13.84 9.50
N TYR A 29 -30.97 -13.18 9.06
CA TYR A 29 -30.93 -11.72 9.05
C TYR A 29 -31.91 -11.14 8.02
N VAL A 30 -32.09 -11.85 6.90
CA VAL A 30 -33.06 -11.44 5.90
C VAL A 30 -34.47 -11.51 6.46
N GLU A 31 -34.87 -12.69 6.97
CA GLU A 31 -36.16 -12.85 7.63
C GLU A 31 -36.39 -11.75 8.65
N GLN A 32 -35.40 -11.52 9.52
CA GLN A 32 -35.54 -10.49 10.54
C GLN A 32 -35.68 -9.11 9.91
N TYR A 33 -34.95 -8.85 8.81
CA TYR A 33 -35.02 -7.54 8.17
C TYR A 33 -36.38 -7.34 7.53
N ASN A 34 -36.85 -8.32 6.77
CA ASN A 34 -38.12 -8.19 6.09
C ASN A 34 -39.29 -8.05 7.07
N GLN A 35 -39.14 -8.56 8.30
CA GLN A 35 -40.17 -8.41 9.32
C GLN A 35 -40.23 -6.99 9.85
N GLU A 36 -39.11 -6.51 10.42
CA GLU A 36 -39.07 -5.18 11.02
C GLU A 36 -39.48 -4.09 10.05
N ASN A 37 -39.26 -4.31 8.76
CA ASN A 37 -39.55 -3.33 7.72
C ASN A 37 -40.66 -3.82 6.81
N ALA A 38 -41.57 -4.62 7.37
CA ALA A 38 -42.72 -5.09 6.59
C ALA A 38 -43.48 -3.95 5.94
N GLU A 39 -43.68 -2.85 6.70
CA GLU A 39 -44.42 -1.68 6.25
C GLU A 39 -43.80 -1.02 5.01
N LYS A 40 -42.60 -0.45 5.18
CA LYS A 40 -41.92 0.21 4.06
C LYS A 40 -41.60 -0.74 2.91
N ILE A 41 -41.56 -2.06 3.14
CA ILE A 41 -41.50 -2.99 2.01
C ILE A 41 -42.79 -2.94 1.22
N ALA A 42 -43.94 -2.86 1.91
CA ALA A 42 -45.24 -2.81 1.22
C ALA A 42 -45.43 -1.48 0.51
N ALA A 43 -44.91 -0.38 1.08
CA ALA A 43 -44.96 0.94 0.45
C ALA A 43 -43.90 1.15 -0.62
N GLY A 44 -42.98 0.19 -0.81
CA GLY A 44 -41.89 0.34 -1.74
C GLY A 44 -40.76 1.21 -1.26
N GLU A 45 -40.87 1.79 -0.06
CA GLU A 45 -39.85 2.70 0.47
C GLU A 45 -38.52 1.99 0.72
N LEU A 46 -38.55 0.69 1.01
CA LEU A 46 -37.34 -0.09 1.27
C LEU A 46 -37.36 -1.37 0.44
N GLU A 47 -36.15 -1.81 0.10
CA GLU A 47 -35.94 -3.02 -0.69
C GLU A 47 -36.20 -4.26 0.15
N GLU A 48 -36.99 -5.19 -0.39
CA GLU A 48 -37.07 -6.52 0.22
C GLU A 48 -35.79 -7.28 -0.05
N LEU A 49 -35.30 -8.01 0.96
CA LEU A 49 -34.03 -8.70 0.88
C LEU A 49 -34.23 -10.16 0.48
N ARG A 50 -33.34 -10.67 -0.37
CA ARG A 50 -33.37 -12.06 -0.76
C ARG A 50 -32.30 -12.84 0.01
N GLY A 51 -32.51 -14.15 0.14
CA GLY A 51 -31.58 -15.03 0.80
C GLY A 51 -30.76 -15.86 -0.16
N SER A 52 -30.12 -16.90 0.37
CA SER A 52 -29.39 -17.85 -0.48
C SER A 52 -29.32 -19.19 0.21
N SER A 53 -28.65 -20.14 -0.44
CA SER A 53 -28.56 -21.52 0.00
C SER A 53 -27.18 -22.09 -0.32
N ALA A 54 -26.77 -23.08 0.47
CA ALA A 54 -25.52 -23.77 0.20
C ALA A 54 -25.43 -24.20 -1.25
N GLU A 55 -26.52 -24.77 -1.79
CA GLU A 55 -26.50 -25.29 -3.16
C GLU A 55 -26.23 -24.19 -4.17
N PHE A 56 -26.79 -22.99 -3.96
CA PHE A 56 -26.52 -21.90 -4.90
C PHE A 56 -25.05 -21.50 -4.86
N ILE A 57 -24.49 -21.35 -3.66
CA ILE A 57 -23.09 -20.94 -3.52
C ILE A 57 -22.16 -21.91 -4.25
N GLU A 58 -22.39 -23.21 -4.07
CA GLU A 58 -21.45 -24.19 -4.61
C GLU A 58 -21.55 -24.28 -6.13
N LYS A 59 -22.76 -24.21 -6.67
CA LYS A 59 -22.88 -24.19 -8.12
C LYS A 59 -22.41 -22.85 -8.68
N ALA A 60 -22.57 -21.76 -7.92
CA ALA A 60 -22.13 -20.44 -8.38
C ALA A 60 -20.61 -20.30 -8.46
N SER A 61 -19.86 -21.06 -7.67
CA SER A 61 -18.45 -20.73 -7.49
C SER A 61 -17.51 -21.92 -7.31
N GLY A 62 -18.02 -23.02 -6.76
CA GLY A 62 -17.19 -24.12 -6.34
C GLY A 62 -16.83 -24.08 -4.85
N ILE A 63 -17.25 -23.06 -4.14
CA ILE A 63 -16.87 -22.91 -2.74
C ILE A 63 -17.78 -23.77 -1.88
N LYS A 64 -17.17 -24.54 -0.99
CA LYS A 64 -17.90 -25.35 -0.02
C LYS A 64 -17.82 -24.80 1.40
N ARG A 65 -16.68 -24.21 1.77
CA ARG A 65 -16.44 -23.73 3.13
C ARG A 65 -15.31 -22.71 3.07
N ARG A 66 -15.07 -22.04 4.21
CA ARG A 66 -13.93 -21.10 4.32
C ARG A 66 -13.49 -21.01 5.77
N TYR A 67 -12.22 -20.61 5.96
CA TYR A 67 -11.68 -20.35 7.30
C TYR A 67 -11.91 -18.90 7.65
N VAL A 68 -12.14 -18.62 8.92
CA VAL A 68 -12.42 -17.26 9.36
C VAL A 68 -11.71 -16.97 10.67
N ILE A 69 -11.27 -15.71 10.82
CA ILE A 69 -10.56 -15.29 12.03
C ILE A 69 -11.41 -15.51 13.27
N GLU A 70 -12.72 -15.33 13.17
CA GLU A 70 -13.60 -15.49 14.33
C GLU A 70 -14.99 -15.79 13.81
N LYS A 71 -15.60 -16.88 14.30
CA LYS A 71 -16.78 -17.45 13.67
C LYS A 71 -18.08 -16.87 14.20
N SER A 72 -18.20 -16.71 15.51
CA SER A 72 -19.50 -16.41 16.11
C SER A 72 -20.02 -15.04 15.69
N GLY A 73 -19.14 -14.05 15.59
CA GLY A 73 -19.60 -12.73 15.17
C GLY A 73 -20.08 -12.71 13.73
N ILE A 74 -19.38 -13.43 12.84
CA ILE A 74 -19.76 -13.43 11.43
C ILE A 74 -21.15 -14.04 11.25
N LEU A 75 -21.45 -15.09 12.02
CA LEU A 75 -22.70 -15.83 11.86
C LEU A 75 -23.86 -15.22 12.63
N ASP A 76 -23.59 -14.49 13.70
CA ASP A 76 -24.63 -13.83 14.48
C ASP A 76 -25.42 -12.87 13.59
N PRO A 77 -26.72 -13.09 13.42
CA PRO A 77 -27.49 -12.22 12.52
C PRO A 77 -27.54 -10.77 12.95
N THR A 78 -27.31 -10.47 14.24
CA THR A 78 -27.36 -9.09 14.71
C THR A 78 -26.00 -8.39 14.67
N ARG A 79 -24.97 -9.04 14.13
CA ARG A 79 -23.63 -8.49 14.07
C ARG A 79 -23.06 -8.60 12.66
N LEU A 80 -22.86 -9.85 12.20
CA LEU A 80 -22.38 -10.13 10.84
C LEU A 80 -21.01 -9.50 10.61
N ARG A 81 -20.12 -9.68 11.58
CA ARG A 81 -18.71 -9.31 11.44
C ARG A 81 -17.96 -9.97 12.59
N PRO A 82 -16.69 -10.30 12.42
CA PRO A 82 -15.97 -11.03 13.47
C PRO A 82 -15.97 -10.27 14.78
N ARG A 83 -15.91 -11.01 15.88
CA ARG A 83 -15.70 -10.41 17.21
C ARG A 83 -14.20 -10.30 17.47
N LEU A 84 -13.67 -9.09 17.39
CA LEU A 84 -12.25 -8.84 17.55
C LEU A 84 -12.02 -7.85 18.69
N SER A 85 -10.79 -7.76 19.16
CA SER A 85 -10.47 -6.84 20.24
C SER A 85 -9.23 -6.05 19.90
N GLU A 86 -9.27 -4.74 20.15
CA GLU A 86 -8.09 -3.91 20.01
C GLU A 86 -6.94 -4.51 20.79
N ARG A 87 -5.78 -4.57 20.16
CA ARG A 87 -4.54 -4.92 20.82
C ARG A 87 -3.78 -3.65 21.13
N SER A 88 -2.92 -3.73 22.14
CA SER A 88 -2.06 -2.59 22.42
C SER A 88 -0.91 -2.54 21.42
N ASN A 89 -0.31 -1.35 21.31
CA ASN A 89 0.86 -1.19 20.46
C ASN A 89 2.01 -2.13 20.84
N ASP A 90 2.04 -2.61 22.09
CA ASP A 90 3.14 -3.43 22.58
C ASP A 90 3.12 -4.84 22.01
N GLU A 91 1.96 -5.29 21.51
CA GLU A 91 1.85 -6.65 21.01
C GLU A 91 1.76 -6.60 19.49
N LEU A 92 2.12 -7.74 18.87
CA LEU A 92 1.89 -7.97 17.46
C LEU A 92 0.47 -7.67 17.05
N SER A 93 0.31 -6.88 15.99
CA SER A 93 -1.01 -6.75 15.37
C SER A 93 -1.43 -8.10 14.79
N ILE A 94 -2.75 -8.24 14.59
CA ILE A 94 -3.30 -9.43 13.96
C ILE A 94 -2.63 -9.68 12.62
N GLN A 95 -2.65 -8.68 11.73
CA GLN A 95 -2.10 -8.89 10.41
C GLN A 95 -0.62 -9.29 10.48
N ALA A 96 0.15 -8.63 11.35
CA ALA A 96 1.55 -9.00 11.50
C ALA A 96 1.72 -10.38 12.12
N GLU A 97 0.82 -10.77 13.03
CA GLU A 97 0.94 -12.08 13.64
C GLU A 97 0.77 -13.19 12.61
N TRP A 98 -0.31 -13.13 11.83
CA TRP A 98 -0.52 -14.14 10.78
C TRP A 98 0.63 -14.14 9.79
N GLY A 99 1.07 -12.95 9.38
CA GLY A 99 2.17 -12.85 8.44
C GLY A 99 3.43 -13.51 8.95
N VAL A 100 3.72 -13.34 10.24
CA VAL A 100 4.91 -13.95 10.83
C VAL A 100 4.81 -15.48 10.81
N ILE A 101 3.65 -16.03 11.17
CA ILE A 101 3.49 -17.48 11.19
C ILE A 101 3.73 -18.06 9.79
N ALA A 102 3.09 -17.48 8.77
CA ALA A 102 3.28 -17.98 7.41
C ALA A 102 4.71 -17.77 6.95
N ALA A 103 5.30 -16.64 7.31
CA ALA A 103 6.68 -16.34 6.94
C ALA A 103 7.66 -17.36 7.52
N LYS A 104 7.52 -17.70 8.80
CA LYS A 104 8.41 -18.67 9.41
C LYS A 104 8.35 -20.01 8.67
N GLN A 105 7.17 -20.40 8.21
CA GLN A 105 7.09 -21.68 7.51
C GLN A 105 7.76 -21.61 6.16
N ALA A 106 7.59 -20.49 5.45
CA ALA A 106 8.29 -20.32 4.18
C ALA A 106 9.79 -20.32 4.39
N MET A 107 10.27 -19.73 5.48
CA MET A 107 11.70 -19.69 5.73
C MET A 107 12.25 -21.07 6.07
N GLU A 108 11.54 -21.84 6.91
CA GLU A 108 11.98 -23.21 7.16
C GLU A 108 11.98 -24.02 5.88
N ASN A 109 10.93 -23.89 5.08
CA ASN A 109 10.85 -24.67 3.85
C ASN A 109 11.96 -24.30 2.88
N ALA A 110 12.37 -23.03 2.87
CA ALA A 110 13.47 -22.63 2.00
C ALA A 110 14.84 -22.89 2.62
N GLY A 111 14.87 -23.31 3.89
CA GLY A 111 16.14 -23.45 4.62
C GLY A 111 16.91 -22.16 4.79
N VAL A 112 16.23 -21.05 5.09
CA VAL A 112 16.89 -19.77 5.30
C VAL A 112 16.52 -19.28 6.69
N THR A 113 17.31 -18.32 7.19
CA THR A 113 17.01 -17.71 8.49
C THR A 113 16.98 -16.19 8.33
N ALA A 114 16.68 -15.52 9.44
CA ALA A 114 16.43 -14.09 9.42
C ALA A 114 17.59 -13.32 8.80
N GLU A 115 18.84 -13.73 9.10
CA GLU A 115 20.01 -13.01 8.61
C GLU A 115 20.18 -13.13 7.10
N ASP A 116 19.48 -14.06 6.45
CA ASP A 116 19.63 -14.26 5.02
C ASP A 116 18.70 -13.39 4.17
N ILE A 117 17.74 -12.68 4.77
CA ILE A 117 16.71 -11.97 4.02
C ILE A 117 17.07 -10.49 3.96
N ASP A 118 16.94 -9.89 2.77
CA ASP A 118 17.20 -8.46 2.60
C ASP A 118 15.95 -7.60 2.49
N VAL A 119 14.82 -8.15 2.03
CA VAL A 119 13.61 -7.38 1.79
C VAL A 119 12.40 -8.17 2.28
N VAL A 120 11.47 -7.47 2.92
CA VAL A 120 10.17 -8.01 3.29
C VAL A 120 9.12 -7.17 2.59
N ILE A 121 8.22 -7.81 1.86
CA ILE A 121 7.13 -7.12 1.18
C ILE A 121 5.83 -7.68 1.70
N LEU A 122 4.95 -6.83 2.21
CA LEU A 122 3.59 -7.22 2.56
C LEU A 122 2.72 -6.82 1.38
N ALA A 123 2.23 -7.80 0.65
CA ALA A 123 1.46 -7.54 -0.56
C ALA A 123 0.10 -8.20 -0.39
N CYS A 124 -0.94 -7.39 -0.27
CA CYS A 124 -2.30 -7.90 -0.07
C CYS A 124 -3.28 -6.78 -0.34
N SER A 125 -4.57 -7.09 -0.19
CA SER A 125 -5.64 -6.18 -0.62
C SER A 125 -6.11 -5.19 0.43
N ASN A 126 -5.62 -5.29 1.68
CA ASN A 126 -6.05 -4.34 2.71
C ASN A 126 -5.07 -4.37 3.87
N MET A 127 -4.47 -3.24 4.19
CA MET A 127 -3.54 -3.13 5.30
C MET A 127 -4.29 -2.71 6.56
N GLN A 128 -3.85 -3.26 7.70
CA GLN A 128 -4.57 -3.04 8.96
C GLN A 128 -4.44 -1.60 9.44
N ARG A 129 -3.34 -0.92 9.09
CA ARG A 129 -3.18 0.50 9.40
C ARG A 129 -2.25 1.09 8.35
N ALA A 130 -2.08 2.41 8.40
CA ALA A 130 -1.25 3.07 7.39
C ALA A 130 0.21 3.18 7.80
N TYR A 131 0.51 3.51 9.06
CA TYR A 131 1.89 3.59 9.50
C TYR A 131 1.92 3.33 10.99
N PRO A 132 3.01 2.73 11.51
CA PRO A 132 4.16 2.19 10.76
C PRO A 132 3.73 1.02 9.88
N ALA A 133 4.42 0.77 8.77
CA ALA A 133 3.98 -0.26 7.84
C ALA A 133 3.92 -1.61 8.53
N VAL A 134 2.88 -2.39 8.23
CA VAL A 134 2.79 -3.72 8.83
C VAL A 134 3.95 -4.59 8.35
N ALA A 135 4.46 -4.36 7.14
CA ALA A 135 5.60 -5.15 6.68
C ALA A 135 6.81 -4.94 7.58
N ILE A 136 6.99 -3.70 8.06
CA ILE A 136 8.09 -3.43 8.99
C ILE A 136 7.86 -4.15 10.30
N GLU A 137 6.60 -4.21 10.76
CA GLU A 137 6.27 -4.95 11.98
C GLU A 137 6.60 -6.43 11.81
N ILE A 138 6.22 -7.03 10.68
CA ILE A 138 6.58 -8.42 10.42
C ILE A 138 8.10 -8.58 10.39
N GLN A 139 8.78 -7.68 9.66
CA GLN A 139 10.24 -7.74 9.55
C GLN A 139 10.91 -7.74 10.93
N SER A 140 10.45 -6.87 11.82
CA SER A 140 11.07 -6.75 13.13
C SER A 140 10.82 -7.97 13.98
N ALA A 141 9.57 -8.47 14.00
CA ALA A 141 9.27 -9.64 14.82
C ALA A 141 10.11 -10.83 14.39
N LEU A 142 10.42 -10.93 13.08
CA LEU A 142 11.28 -11.97 12.54
C LEU A 142 12.77 -11.64 12.70
N GLY A 143 13.11 -10.45 13.19
CA GLY A 143 14.49 -10.09 13.35
C GLY A 143 15.24 -9.89 12.05
N ILE A 144 14.56 -9.45 10.99
CA ILE A 144 15.19 -9.29 9.69
C ILE A 144 15.72 -7.87 9.59
N GLN A 145 16.90 -7.72 9.00
CA GLN A 145 17.48 -6.41 8.76
C GLN A 145 17.54 -6.16 7.26
N GLY A 146 17.39 -4.89 6.89
CA GLY A 146 17.20 -4.50 5.51
C GLY A 146 16.03 -3.54 5.50
N TYR A 147 15.08 -3.70 4.57
CA TYR A 147 13.95 -2.77 4.51
C TYR A 147 12.69 -3.53 4.13
N ALA A 148 11.55 -2.86 4.34
CA ALA A 148 10.23 -3.48 4.16
C ALA A 148 9.27 -2.40 3.70
N TYR A 149 8.19 -2.83 3.03
CA TYR A 149 7.14 -1.89 2.66
C TYR A 149 5.84 -2.65 2.37
N ASP A 150 4.73 -1.93 2.45
CA ASP A 150 3.40 -2.48 2.14
C ASP A 150 3.04 -2.13 0.71
N MET A 151 2.40 -3.06 0.02
CA MET A 151 2.07 -2.89 -1.39
C MET A 151 0.66 -3.43 -1.64
N ASN A 152 -0.20 -2.62 -2.25
CA ASN A 152 -1.58 -3.01 -2.47
C ASN A 152 -1.92 -2.93 -3.95
N VAL A 153 -2.28 -4.07 -4.54
CA VAL A 153 -2.95 -4.07 -5.83
C VAL A 153 -3.96 -5.22 -5.82
N ALA A 154 -4.50 -5.47 -4.63
CA ALA A 154 -5.67 -6.33 -4.43
C ALA A 154 -5.39 -7.72 -4.97
N ALA A 155 -6.16 -8.23 -5.93
CA ALA A 155 -6.15 -9.64 -6.26
C ALA A 155 -4.81 -10.07 -6.85
N SER A 156 -4.09 -9.16 -7.50
CA SER A 156 -2.79 -9.48 -8.08
C SER A 156 -1.63 -9.07 -7.19
N ALA A 157 -1.87 -8.75 -5.93
CA ALA A 157 -0.78 -8.31 -5.08
C ALA A 157 0.36 -9.34 -5.02
N ALA A 158 0.06 -10.63 -5.14
CA ALA A 158 1.13 -11.61 -4.99
C ALA A 158 1.98 -11.70 -6.25
N THR A 159 1.36 -11.68 -7.44
CA THR A 159 2.15 -11.71 -8.66
C THR A 159 2.93 -10.41 -8.86
N PHE A 160 2.30 -9.26 -8.55
CA PHE A 160 3.02 -7.99 -8.60
C PHE A 160 4.16 -8.00 -7.59
N GLY A 161 3.93 -8.64 -6.43
CA GLY A 161 4.98 -8.70 -5.43
C GLY A 161 6.13 -9.58 -5.86
N LEU A 162 5.80 -10.72 -6.47
CA LEU A 162 6.84 -11.59 -7.04
C LEU A 162 7.66 -10.82 -8.07
N LYS A 163 7.02 -9.97 -8.88
CA LYS A 163 7.78 -9.20 -9.84
C LYS A 163 8.72 -8.22 -9.13
N GLN A 164 8.19 -7.49 -8.13
CA GLN A 164 9.03 -6.54 -7.40
C GLN A 164 10.16 -7.26 -6.69
N ALA A 165 9.90 -8.46 -6.17
CA ALA A 165 10.95 -9.26 -5.56
C ALA A 165 12.02 -9.63 -6.57
N ALA A 166 11.60 -10.06 -7.77
CA ALA A 166 12.55 -10.40 -8.80
C ALA A 166 13.39 -9.18 -9.19
N ASP A 167 12.76 -8.02 -9.36
CA ASP A 167 13.49 -6.80 -9.70
C ASP A 167 14.52 -6.45 -8.63
N ALA A 168 14.13 -6.53 -7.35
CA ALA A 168 15.05 -6.18 -6.26
C ALA A 168 16.22 -7.13 -6.20
N ILE A 169 15.99 -8.41 -6.50
CA ILE A 169 17.08 -9.37 -6.52
C ILE A 169 18.01 -9.09 -7.70
N ARG A 170 17.41 -8.80 -8.85
CA ARG A 170 18.18 -8.51 -10.05
C ARG A 170 19.11 -7.34 -9.82
N SER A 171 18.67 -6.33 -9.07
CA SER A 171 19.53 -5.20 -8.77
C SER A 171 20.40 -5.41 -7.53
N GLY A 172 20.26 -6.52 -6.81
CA GLY A 172 21.21 -6.73 -5.72
C GLY A 172 20.72 -7.39 -4.45
N ALA A 173 19.42 -7.50 -4.23
CA ALA A 173 19.00 -8.20 -3.03
C ALA A 173 19.43 -9.67 -3.12
N ARG A 174 19.70 -10.29 -1.97
CA ARG A 174 19.98 -11.72 -2.00
C ARG A 174 18.69 -12.51 -2.01
N ARG A 175 17.79 -12.23 -1.06
CA ARG A 175 16.58 -13.00 -0.83
C ARG A 175 15.47 -12.05 -0.40
N VAL A 176 14.28 -12.28 -0.93
CA VAL A 176 13.12 -11.49 -0.59
C VAL A 176 12.08 -12.40 0.05
N LEU A 177 11.50 -11.92 1.14
CA LEU A 177 10.35 -12.55 1.77
C LEU A 177 9.09 -11.78 1.36
N LEU A 178 8.16 -12.46 0.71
CA LEU A 178 6.92 -11.87 0.22
C LEU A 178 5.75 -12.44 1.02
N VAL A 179 4.95 -11.57 1.63
CA VAL A 179 3.89 -11.98 2.56
C VAL A 179 2.55 -11.44 2.07
N ASN A 180 1.53 -12.29 2.10
CA ASN A 180 0.15 -11.91 1.77
C ASN A 180 -0.74 -12.31 2.93
N VAL A 181 -1.33 -11.33 3.60
CA VAL A 181 -2.22 -11.57 4.72
C VAL A 181 -3.57 -11.00 4.35
N GLU A 182 -4.57 -11.88 4.18
CA GLU A 182 -5.91 -11.49 3.74
C GLU A 182 -6.92 -11.81 4.84
N ILE A 183 -7.34 -10.77 5.58
CA ILE A 183 -8.43 -10.93 6.53
C ILE A 183 -9.69 -10.37 5.89
N THR A 184 -10.16 -11.07 4.84
CA THR A 184 -11.27 -10.60 4.02
C THR A 184 -12.56 -10.49 4.83
N SER A 185 -12.69 -11.26 5.91
CA SER A 185 -13.90 -11.15 6.70
C SER A 185 -14.04 -9.78 7.35
N GLY A 186 -12.98 -8.97 7.32
CA GLY A 186 -13.00 -7.62 7.84
C GLY A 186 -13.59 -6.58 6.93
N HIS A 187 -13.61 -6.82 5.61
CA HIS A 187 -14.24 -5.87 4.69
C HIS A 187 -15.32 -6.50 3.83
N LEU A 188 -15.73 -7.71 4.13
CA LEU A 188 -16.81 -8.34 3.37
C LEU A 188 -18.16 -7.85 3.89
N ASP A 189 -19.15 -7.84 3.01
CA ASP A 189 -20.51 -7.44 3.36
C ASP A 189 -21.31 -8.72 3.57
N TYR A 190 -21.52 -9.09 4.83
CA TYR A 190 -22.22 -10.33 5.09
C TYR A 190 -23.74 -10.21 4.95
N ARG A 191 -24.27 -9.03 4.61
CA ARG A 191 -25.70 -8.88 4.37
C ARG A 191 -26.10 -9.16 2.93
N ASN A 192 -25.14 -9.28 2.00
CA ASN A 192 -25.42 -9.31 0.58
C ASN A 192 -25.28 -10.75 0.07
N ARG A 193 -26.40 -11.36 -0.34
CA ARG A 193 -26.34 -12.74 -0.77
C ARG A 193 -25.51 -12.94 -2.04
N ASP A 194 -25.11 -11.89 -2.72
CA ASP A 194 -24.32 -12.12 -3.91
C ASP A 194 -22.83 -12.12 -3.65
N CYS A 195 -22.37 -11.54 -2.53
CA CYS A 195 -20.96 -11.47 -2.24
C CYS A 195 -20.55 -12.12 -0.92
N HIS A 196 -21.51 -12.45 -0.04
CA HIS A 196 -21.16 -12.82 1.34
C HIS A 196 -20.37 -14.12 1.40
N PHE A 197 -20.53 -15.00 0.41
CA PHE A 197 -19.87 -16.31 0.41
C PHE A 197 -18.50 -16.31 -0.26
N ILE A 198 -18.08 -15.21 -0.89
CA ILE A 198 -17.00 -15.31 -1.87
C ILE A 198 -15.65 -15.52 -1.19
N PHE A 199 -15.45 -14.90 -0.03
CA PHE A 199 -14.12 -14.69 0.53
C PHE A 199 -13.88 -15.51 1.80
N GLY A 200 -12.60 -15.86 2.02
CA GLY A 200 -12.16 -16.44 3.27
C GLY A 200 -10.83 -15.82 3.69
N ASP A 201 -10.37 -16.18 4.89
CA ASP A 201 -9.20 -15.59 5.51
C ASP A 201 -7.99 -16.53 5.45
N VAL A 202 -6.80 -15.93 5.30
CA VAL A 202 -5.58 -16.71 5.18
C VAL A 202 -4.36 -15.80 5.21
N ALA A 203 -3.19 -16.38 5.40
CA ALA A 203 -1.93 -15.71 5.17
C ALA A 203 -1.00 -16.68 4.46
N THR A 204 -0.30 -16.19 3.44
CA THR A 204 0.70 -16.97 2.73
C THR A 204 2.00 -16.18 2.70
N ALA A 205 3.08 -16.88 2.36
CA ALA A 205 4.39 -16.26 2.29
C ALA A 205 5.23 -17.04 1.30
N SER A 206 6.22 -16.35 0.74
CA SER A 206 7.10 -16.89 -0.29
C SER A 206 8.51 -16.37 -0.05
N ILE A 207 9.48 -17.24 -0.30
CA ILE A 207 10.89 -16.87 -0.30
C ILE A 207 11.37 -16.90 -1.73
N ILE A 208 11.99 -15.81 -2.18
CA ILE A 208 12.50 -15.68 -3.54
C ILE A 208 13.97 -15.34 -3.43
N GLU A 209 14.83 -16.10 -4.12
CA GLU A 209 16.26 -15.95 -3.99
C GLU A 209 16.93 -16.15 -5.33
N GLU A 210 18.13 -15.59 -5.42
CA GLU A 210 19.07 -15.90 -6.50
C GLU A 210 19.85 -17.14 -6.10
N THR A 211 19.69 -18.20 -6.88
CA THR A 211 20.38 -19.45 -6.57
C THR A 211 20.29 -20.36 -7.78
N THR A 212 21.30 -21.22 -7.92
CA THR A 212 21.26 -22.32 -8.86
C THR A 212 21.39 -23.65 -8.14
N THR A 213 21.37 -23.63 -6.82
CA THR A 213 21.67 -24.81 -6.02
C THR A 213 20.52 -25.24 -5.14
N LYS A 214 19.37 -24.58 -5.17
CA LYS A 214 18.24 -24.95 -4.33
C LYS A 214 17.02 -25.24 -5.18
N THR A 215 16.29 -26.26 -4.77
CA THR A 215 15.05 -26.60 -5.43
C THR A 215 14.09 -25.41 -5.41
N GLY A 216 13.44 -25.16 -6.53
CA GLY A 216 12.43 -24.13 -6.55
C GLY A 216 11.90 -23.88 -7.95
N PHE A 217 11.02 -22.90 -8.04
CA PHE A 217 10.39 -22.51 -9.30
C PHE A 217 11.11 -21.27 -9.83
N GLU A 218 11.86 -21.46 -10.91
CA GLU A 218 12.59 -20.38 -11.54
C GLU A 218 11.65 -19.53 -12.36
N ILE A 219 11.74 -18.21 -12.20
CA ILE A 219 10.86 -17.27 -12.90
C ILE A 219 11.40 -17.02 -14.29
N LEU A 220 10.58 -17.31 -15.33
CA LEU A 220 11.02 -17.13 -16.71
C LEU A 220 10.45 -15.89 -17.38
N ASP A 221 9.24 -15.49 -17.01
CA ASP A 221 8.60 -14.35 -17.65
C ASP A 221 7.45 -13.86 -16.78
N ILE A 222 7.35 -12.55 -16.66
CA ILE A 222 6.26 -11.92 -15.92
C ILE A 222 5.58 -10.92 -16.82
N HIS A 223 4.25 -10.91 -16.81
CA HIS A 223 3.47 -9.87 -17.45
C HIS A 223 2.45 -9.34 -16.47
N LEU A 224 2.48 -8.03 -16.21
CA LEU A 224 1.56 -7.39 -15.29
C LEU A 224 0.74 -6.37 -16.06
N PHE A 225 -0.53 -6.24 -15.70
CA PHE A 225 -1.44 -5.42 -16.47
C PHE A 225 -2.49 -4.86 -15.53
N THR A 226 -2.75 -3.56 -15.61
CA THR A 226 -3.91 -2.99 -14.94
C THR A 226 -4.74 -2.19 -15.92
N GLN A 227 -6.03 -2.13 -15.63
CA GLN A 227 -6.98 -1.34 -16.43
C GLN A 227 -8.12 -0.99 -15.50
N PHE A 228 -8.25 0.29 -15.17
CA PHE A 228 -9.16 0.73 -14.13
C PHE A 228 -10.60 0.29 -14.38
N SER A 229 -11.22 -0.30 -13.37
CA SER A 229 -12.65 -0.62 -13.41
C SER A 229 -13.26 -0.36 -12.04
N ASN A 230 -14.52 0.04 -12.04
CA ASN A 230 -15.29 0.21 -10.81
C ASN A 230 -16.20 -0.97 -10.52
N ASN A 231 -16.08 -2.05 -11.30
CA ASN A 231 -16.90 -3.22 -11.03
C ASN A 231 -16.54 -3.96 -9.74
N ILE A 232 -15.38 -3.67 -9.13
CA ILE A 232 -15.04 -4.12 -7.78
C ILE A 232 -14.46 -2.93 -7.02
N ARG A 233 -15.07 -2.57 -5.91
CA ARG A 233 -14.69 -1.32 -5.25
C ARG A 233 -15.10 -1.36 -3.80
N ASN A 234 -14.32 -0.71 -2.95
CA ASN A 234 -14.63 -0.53 -1.54
C ASN A 234 -14.17 0.86 -1.15
N ASN A 235 -15.11 1.72 -0.76
CA ASN A 235 -14.80 3.14 -0.56
C ASN A 235 -14.46 3.48 0.89
N PHE A 236 -14.16 2.47 1.72
CA PHE A 236 -13.68 2.74 3.08
C PHE A 236 -12.31 3.39 3.04
N GLY A 237 -12.12 4.46 3.81
CA GLY A 237 -10.79 5.04 3.87
C GLY A 237 -10.71 6.18 4.85
N PHE A 238 -9.49 6.68 5.00
CA PHE A 238 -9.21 7.67 6.04
C PHE A 238 -9.92 9.01 5.83
N LEU A 239 -10.37 9.31 4.61
CA LEU A 239 -11.08 10.57 4.40
C LEU A 239 -12.58 10.48 4.67
N ASN A 240 -13.11 9.29 4.98
CA ASN A 240 -14.55 9.15 5.22
C ASN A 240 -15.01 10.13 6.30
N ARG A 241 -14.25 10.20 7.40
CA ARG A 241 -14.59 11.07 8.52
C ARG A 241 -14.73 12.52 8.07
N SER A 242 -13.78 13.01 7.25
CA SER A 242 -13.86 14.38 6.76
C SER A 242 -14.97 14.59 5.75
N GLU A 243 -15.40 13.52 5.08
CA GLU A 243 -16.51 13.60 4.16
C GLU A 243 -17.84 13.54 4.87
N ASP A 244 -17.83 13.28 6.18
CA ASP A 244 -19.02 12.91 6.93
C ASP A 244 -19.86 11.92 6.12
N ALA A 245 -19.18 10.85 5.67
CA ALA A 245 -19.73 9.93 4.69
C ALA A 245 -20.98 9.22 5.21
N VAL A 246 -21.94 9.00 4.32
CA VAL A 246 -23.16 8.26 4.67
C VAL A 246 -23.49 7.17 3.67
N VAL A 247 -22.93 7.16 2.46
CA VAL A 247 -23.25 6.11 1.51
C VAL A 247 -22.80 4.75 2.05
N ASP A 248 -23.67 3.76 1.89
CA ASP A 248 -23.39 2.40 2.37
C ASP A 248 -22.63 1.62 1.28
N ASP A 249 -21.35 1.97 1.14
CA ASP A 249 -20.45 1.34 0.19
C ASP A 249 -19.04 1.23 0.76
N LYS A 250 -18.92 1.17 2.09
CA LYS A 250 -17.64 1.10 2.77
C LYS A 250 -17.18 -0.33 3.03
N LEU A 251 -17.70 -1.28 2.23
CA LEU A 251 -17.38 -2.70 2.30
C LEU A 251 -17.18 -3.17 0.86
N PHE A 252 -16.76 -4.44 0.71
CA PHE A 252 -16.63 -5.01 -0.62
C PHE A 252 -17.94 -4.90 -1.38
N ARG A 253 -17.86 -4.46 -2.64
CA ARG A 253 -19.01 -4.40 -3.52
C ARG A 253 -18.56 -4.75 -4.94
N GLN A 254 -19.45 -5.38 -5.70
CA GLN A 254 -19.03 -5.92 -6.98
C GLN A 254 -20.23 -6.12 -7.89
N ASP A 255 -19.98 -5.99 -9.20
CA ASP A 255 -20.89 -6.45 -10.26
C ASP A 255 -20.31 -7.74 -10.84
N GLY A 256 -20.65 -8.88 -10.24
CA GLY A 256 -19.98 -10.13 -10.58
C GLY A 256 -20.14 -10.52 -12.04
N ARG A 257 -21.32 -10.26 -12.61
CA ARG A 257 -21.56 -10.51 -14.03
C ARG A 257 -20.51 -9.85 -14.91
N LYS A 258 -20.38 -8.53 -14.77
CA LYS A 258 -19.45 -7.80 -15.63
C LYS A 258 -18.02 -8.27 -15.40
N VAL A 259 -17.65 -8.56 -14.15
CA VAL A 259 -16.30 -9.01 -13.85
C VAL A 259 -16.00 -10.29 -14.61
N PHE A 260 -16.95 -11.23 -14.57
CA PHE A 260 -16.78 -12.50 -15.29
C PHE A 260 -16.50 -12.25 -16.77
N LYS A 261 -17.36 -11.46 -17.43
CA LYS A 261 -17.25 -11.30 -18.88
C LYS A 261 -16.05 -10.45 -19.27
N ASP A 262 -15.63 -9.51 -18.43
CA ASP A 262 -14.46 -8.70 -18.74
C ASP A 262 -13.17 -9.47 -18.56
N VAL A 263 -13.05 -10.21 -17.46
CA VAL A 263 -11.72 -10.65 -17.02
C VAL A 263 -11.32 -11.98 -17.65
N ALA A 264 -12.26 -12.92 -17.82
CA ALA A 264 -11.92 -14.21 -18.41
C ALA A 264 -11.22 -14.11 -19.76
N PRO A 265 -11.73 -13.35 -20.76
CA PRO A 265 -10.96 -13.23 -22.01
C PRO A 265 -9.67 -12.45 -21.85
N LEU A 266 -9.66 -11.46 -20.95
CA LEU A 266 -8.47 -10.67 -20.72
C LEU A 266 -7.35 -11.53 -20.19
N VAL A 267 -7.63 -12.34 -19.17
CA VAL A 267 -6.62 -13.26 -18.62
C VAL A 267 -6.14 -14.22 -19.68
N ALA A 268 -7.07 -14.86 -20.40
CA ALA A 268 -6.70 -15.81 -21.44
C ALA A 268 -5.80 -15.18 -22.49
N LYS A 269 -6.15 -13.98 -22.97
CA LYS A 269 -5.32 -13.34 -23.97
C LYS A 269 -3.90 -13.11 -23.46
N ILE A 270 -3.77 -12.67 -22.20
CA ILE A 270 -2.46 -12.44 -21.62
C ILE A 270 -1.66 -13.75 -21.54
N ILE A 271 -2.32 -14.81 -21.09
CA ILE A 271 -1.60 -16.08 -20.93
C ILE A 271 -1.15 -16.59 -22.29
N ASN A 272 -2.05 -16.54 -23.28
CA ASN A 272 -1.72 -17.05 -24.62
C ASN A 272 -0.56 -16.29 -25.24
N ALA A 273 -0.59 -14.96 -25.15
CA ALA A 273 0.52 -14.16 -25.69
C ALA A 273 1.83 -14.45 -24.95
N GLN A 274 1.75 -14.67 -23.64
CA GLN A 274 2.92 -15.05 -22.85
C GLN A 274 3.47 -16.41 -23.28
N LEU A 275 2.60 -17.38 -23.51
CA LEU A 275 3.05 -18.70 -23.95
C LEU A 275 3.71 -18.64 -25.32
N GLU A 276 3.09 -17.90 -26.25
CA GLU A 276 3.67 -17.73 -27.58
C GLU A 276 5.03 -17.04 -27.51
N LYS A 277 5.13 -16.01 -26.66
CA LYS A 277 6.41 -15.32 -26.47
C LYS A 277 7.48 -16.26 -25.95
N MET A 278 7.10 -17.20 -25.09
CA MET A 278 8.06 -18.11 -24.50
C MET A 278 8.27 -19.36 -25.33
N GLN A 279 7.60 -19.46 -26.48
CA GLN A 279 7.70 -20.62 -27.36
C GLN A 279 7.23 -21.88 -26.65
N LEU A 280 6.12 -21.76 -25.94
CA LEU A 280 5.51 -22.90 -25.30
C LEU A 280 4.05 -22.95 -25.74
N THR A 281 3.49 -24.13 -25.69
CA THR A 281 2.07 -24.32 -25.91
C THR A 281 1.41 -24.65 -24.59
N ALA A 282 0.09 -24.50 -24.55
CA ALA A 282 -0.65 -24.93 -23.36
C ALA A 282 -0.22 -26.32 -22.93
N ASN A 283 0.02 -27.21 -23.89
CA ASN A 283 0.37 -28.58 -23.55
C ASN A 283 1.71 -28.70 -22.85
N ASP A 284 2.58 -27.70 -22.95
CA ASP A 284 3.82 -27.74 -22.18
C ASP A 284 3.63 -27.31 -20.73
N ILE A 285 2.44 -26.85 -20.34
CA ILE A 285 2.24 -26.33 -18.99
C ILE A 285 1.73 -27.46 -18.11
N LYS A 286 2.56 -27.87 -17.13
CA LYS A 286 2.16 -28.95 -16.24
C LYS A 286 1.09 -28.54 -15.24
N ARG A 287 1.17 -27.31 -14.72
CA ARG A 287 0.14 -26.81 -13.81
C ARG A 287 -0.14 -25.34 -14.08
N PHE A 288 -1.43 -25.00 -14.09
CA PHE A 288 -1.88 -23.61 -14.05
C PHE A 288 -2.37 -23.33 -12.65
N TRP A 289 -1.70 -22.41 -11.96
CA TRP A 289 -2.11 -21.96 -10.65
C TRP A 289 -2.81 -20.63 -10.89
N LEU A 290 -4.13 -20.70 -11.06
CA LEU A 290 -4.92 -19.54 -11.36
C LEU A 290 -5.50 -18.93 -10.10
N HIS A 291 -5.97 -17.68 -10.23
CA HIS A 291 -6.70 -17.03 -9.16
C HIS A 291 -7.81 -17.95 -8.65
N GLN A 292 -8.14 -17.83 -7.37
CA GLN A 292 -8.99 -18.83 -6.71
C GLN A 292 -10.26 -18.16 -6.19
N ALA A 293 -11.09 -17.70 -7.13
CA ALA A 293 -12.35 -17.07 -6.80
C ALA A 293 -13.56 -17.83 -7.33
N ASN A 294 -13.49 -18.37 -8.55
CA ASN A 294 -14.66 -18.95 -9.19
C ASN A 294 -14.18 -20.08 -10.09
N ALA A 295 -14.52 -21.32 -9.73
CA ALA A 295 -14.08 -22.47 -10.51
C ALA A 295 -14.61 -22.39 -11.95
N ASN A 296 -15.79 -21.83 -12.13
CA ASN A 296 -16.35 -21.74 -13.48
C ASN A 296 -15.56 -20.76 -14.34
N MET A 297 -15.11 -19.66 -13.76
CA MET A 297 -14.29 -18.71 -14.50
C MET A 297 -12.95 -19.36 -14.90
N ASN A 298 -12.31 -20.06 -13.96
CA ASN A 298 -11.04 -20.70 -14.29
C ASN A 298 -11.22 -21.73 -15.40
N GLU A 299 -12.30 -22.52 -15.32
CA GLU A 299 -12.56 -23.52 -16.35
C GLU A 299 -12.71 -22.85 -17.71
N LEU A 300 -13.38 -21.69 -17.75
CA LEU A 300 -13.55 -20.98 -19.02
C LEU A 300 -12.22 -20.42 -19.51
N ILE A 301 -11.36 -19.98 -18.59
CA ILE A 301 -10.07 -19.44 -18.98
C ILE A 301 -9.21 -20.53 -19.62
N LEU A 302 -9.25 -21.76 -19.09
CA LEU A 302 -8.50 -22.83 -19.73
C LEU A 302 -9.08 -23.22 -21.07
N LYS A 303 -10.40 -23.08 -21.26
CA LYS A 303 -10.95 -23.30 -22.60
C LYS A 303 -10.36 -22.32 -23.59
N TYR A 304 -10.27 -21.04 -23.20
CA TYR A 304 -9.69 -20.06 -24.09
C TYR A 304 -8.19 -20.26 -24.30
N VAL A 305 -7.51 -20.98 -23.41
CA VAL A 305 -6.07 -21.16 -23.49
C VAL A 305 -5.69 -22.52 -24.05
N ALA A 306 -6.44 -23.57 -23.69
CA ALA A 306 -6.12 -24.94 -24.10
C ALA A 306 -7.28 -25.61 -24.86
N GLY A 307 -8.08 -24.84 -25.59
CA GLY A 307 -9.09 -25.39 -26.48
C GLY A 307 -10.35 -25.79 -25.75
N LYS A 308 -11.44 -25.90 -26.52
CA LYS A 308 -12.74 -26.23 -25.94
C LYS A 308 -12.79 -27.63 -25.34
N ASP A 309 -11.79 -28.47 -25.61
CA ASP A 309 -11.61 -29.74 -24.89
C ASP A 309 -11.11 -29.54 -23.49
N ALA A 310 -11.08 -28.30 -23.02
CA ALA A 310 -10.40 -27.97 -21.77
C ALA A 310 -11.16 -28.53 -20.57
N ASP A 311 -10.62 -28.20 -19.38
CA ASP A 311 -10.57 -29.16 -18.29
C ASP A 311 -9.75 -28.60 -17.13
N LEU A 312 -10.08 -28.96 -15.89
CA LEU A 312 -9.34 -28.50 -14.72
C LEU A 312 -8.38 -29.55 -14.17
N SER A 313 -8.07 -30.60 -14.93
CA SER A 313 -7.20 -31.64 -14.40
C SER A 313 -5.80 -31.14 -14.11
N ARG A 314 -5.38 -30.04 -14.75
CA ARG A 314 -4.06 -29.45 -14.56
C ARG A 314 -4.14 -28.05 -13.97
N ALA A 315 -5.30 -27.69 -13.43
CA ALA A 315 -5.56 -26.38 -12.84
C ALA A 315 -6.14 -26.58 -11.45
N PRO A 316 -5.28 -26.79 -10.44
CA PRO A 316 -5.78 -27.17 -9.10
C PRO A 316 -6.69 -26.11 -8.49
N ILE A 317 -7.66 -26.61 -7.72
CA ILE A 317 -8.65 -25.79 -7.04
C ILE A 317 -8.41 -25.92 -5.54
N ILE A 318 -8.19 -24.80 -4.86
CA ILE A 318 -8.24 -24.77 -3.39
C ILE A 318 -9.37 -23.91 -2.87
N LEU A 319 -10.16 -23.31 -3.75
CA LEU A 319 -11.23 -22.44 -3.29
C LEU A 319 -12.38 -23.22 -2.68
N ASP A 320 -12.45 -24.52 -2.95
CA ASP A 320 -13.52 -25.30 -2.31
C ASP A 320 -13.39 -25.26 -0.81
N GLU A 321 -12.14 -25.17 -0.31
CA GLU A 321 -11.83 -25.21 1.11
C GLU A 321 -11.55 -23.84 1.70
N PHE A 322 -10.94 -22.93 0.94
CA PHE A 322 -10.50 -21.63 1.43
C PHE A 322 -11.44 -20.50 1.02
N ALA A 323 -12.38 -20.73 0.11
CA ALA A 323 -13.07 -19.68 -0.64
C ALA A 323 -12.02 -18.79 -1.30
N ASN A 324 -12.41 -17.57 -1.65
CA ASN A 324 -11.52 -16.64 -2.34
C ASN A 324 -10.68 -15.92 -1.29
N THR A 325 -9.36 -16.05 -1.38
CA THR A 325 -8.47 -15.35 -0.47
C THR A 325 -7.68 -14.25 -1.19
N SER A 326 -8.21 -13.77 -2.32
CA SER A 326 -7.70 -12.57 -3.01
C SER A 326 -6.25 -12.78 -3.37
N SER A 327 -5.32 -11.94 -2.92
CA SER A 327 -3.93 -12.03 -3.38
C SER A 327 -3.29 -13.38 -3.05
N ALA A 328 -3.74 -14.04 -1.98
CA ALA A 328 -3.07 -15.25 -1.51
C ALA A 328 -3.45 -16.50 -2.29
N GLY A 329 -4.55 -16.47 -3.06
CA GLY A 329 -5.09 -17.70 -3.63
C GLY A 329 -4.08 -18.45 -4.49
N VAL A 330 -3.42 -17.75 -5.43
CA VAL A 330 -2.46 -18.43 -6.30
C VAL A 330 -1.33 -19.02 -5.48
N ILE A 331 -0.95 -18.37 -4.38
CA ILE A 331 0.13 -18.90 -3.57
C ILE A 331 -0.33 -20.14 -2.81
N ILE A 332 -1.57 -20.14 -2.31
CA ILE A 332 -2.11 -21.36 -1.69
C ILE A 332 -2.03 -22.52 -2.66
N ALA A 333 -2.57 -22.32 -3.86
CA ALA A 333 -2.57 -23.37 -4.87
C ALA A 333 -1.16 -23.87 -5.14
N LEU A 334 -0.20 -22.96 -5.28
CA LEU A 334 1.17 -23.38 -5.54
C LEU A 334 1.72 -24.15 -4.34
N HIS A 335 1.40 -23.71 -3.13
CA HIS A 335 1.87 -24.38 -1.92
C HIS A 335 1.39 -25.84 -1.90
N ARG A 336 0.13 -26.05 -2.27
CA ARG A 336 -0.51 -27.36 -2.14
C ARG A 336 -0.15 -28.32 -3.25
N THR A 337 0.24 -27.82 -4.42
CA THR A 337 0.38 -28.68 -5.59
C THR A 337 1.67 -28.52 -6.36
N GLY A 338 2.56 -27.61 -5.95
CA GLY A 338 3.82 -27.47 -6.66
C GLY A 338 4.59 -28.77 -6.73
N HIS A 339 4.40 -29.65 -5.75
CA HIS A 339 5.06 -30.94 -5.75
C HIS A 339 4.60 -31.87 -6.87
N GLU A 340 3.52 -31.51 -7.59
CA GLU A 340 3.05 -32.33 -8.70
C GLU A 340 3.75 -31.98 -10.00
N VAL A 341 4.67 -31.02 -9.98
CA VAL A 341 5.46 -30.66 -11.14
C VAL A 341 6.79 -31.38 -11.04
N ASP A 342 7.26 -31.93 -12.16
CA ASP A 342 8.53 -32.63 -12.21
C ASP A 342 9.67 -31.66 -12.45
N ASP A 343 10.87 -32.09 -12.10
CA ASP A 343 12.09 -31.43 -12.54
C ASP A 343 12.00 -31.07 -14.02
N GLY A 344 12.23 -29.80 -14.33
CA GLY A 344 12.25 -29.31 -15.70
C GLY A 344 10.90 -28.96 -16.31
N GLU A 345 9.79 -29.21 -15.63
CA GLU A 345 8.48 -28.92 -16.22
C GLU A 345 8.05 -27.50 -15.90
N TYR A 346 7.06 -27.03 -16.64
CA TYR A 346 6.63 -25.64 -16.62
C TYR A 346 5.31 -25.50 -15.87
N GLY A 347 5.17 -24.36 -15.19
CA GLY A 347 3.89 -23.96 -14.64
C GLY A 347 3.62 -22.50 -14.94
N VAL A 348 2.40 -22.08 -14.64
CA VAL A 348 1.94 -20.72 -14.86
C VAL A 348 1.16 -20.26 -13.64
N ILE A 349 1.57 -19.13 -13.05
CA ILE A 349 0.86 -18.49 -11.94
C ILE A 349 0.13 -17.27 -12.52
N SER A 350 -1.20 -17.19 -12.34
CA SER A 350 -1.94 -16.04 -12.84
C SER A 350 -3.00 -15.58 -11.85
N SER A 351 -2.78 -14.36 -11.32
CA SER A 351 -3.74 -13.59 -10.52
C SER A 351 -4.60 -12.71 -11.42
N PHE A 352 -5.82 -12.43 -10.96
CA PHE A 352 -6.68 -11.48 -11.65
C PHE A 352 -7.84 -11.10 -10.74
N GLY A 353 -8.21 -9.83 -10.79
CA GLY A 353 -9.32 -9.35 -10.00
C GLY A 353 -9.37 -7.84 -9.90
N ALA A 354 -9.63 -7.34 -8.69
CA ALA A 354 -10.00 -5.96 -8.48
C ALA A 354 -8.93 -4.99 -8.99
N GLY A 355 -9.41 -3.84 -9.46
CA GLY A 355 -8.63 -2.84 -10.15
C GLY A 355 -8.88 -2.82 -11.64
N TYR A 356 -9.44 -3.91 -12.14
CA TYR A 356 -8.79 -4.90 -13.00
C TYR A 356 -7.27 -4.84 -12.89
N SER A 357 -6.74 -5.90 -12.26
CA SER A 357 -5.33 -6.22 -12.28
C SER A 357 -5.17 -7.64 -12.78
N VAL A 358 -4.08 -7.92 -13.47
CA VAL A 358 -3.77 -9.27 -13.92
C VAL A 358 -2.27 -9.45 -13.80
N GLY A 359 -1.85 -10.52 -13.14
CA GLY A 359 -0.44 -10.86 -13.10
C GLY A 359 -0.27 -12.29 -13.59
N SER A 360 0.66 -12.51 -14.51
CA SER A 360 0.86 -13.83 -15.08
C SER A 360 2.35 -14.12 -15.14
N ILE A 361 2.74 -15.28 -14.64
CA ILE A 361 4.15 -15.59 -14.42
C ILE A 361 4.38 -17.00 -14.93
N VAL A 362 5.40 -17.17 -15.76
CA VAL A 362 5.79 -18.48 -16.26
C VAL A 362 6.99 -18.97 -15.46
N VAL A 363 6.87 -20.16 -14.87
CA VAL A 363 7.96 -20.70 -14.08
C VAL A 363 8.34 -22.09 -14.58
N GLN A 364 9.53 -22.52 -14.19
CA GLN A 364 10.03 -23.86 -14.50
C GLN A 364 10.64 -24.45 -13.24
N LYS A 365 10.23 -25.67 -12.89
CA LYS A 365 10.76 -26.30 -11.70
C LYS A 365 12.17 -26.81 -11.95
N HIS A 366 13.04 -26.61 -10.96
CA HIS A 366 14.39 -27.15 -10.92
C HIS A 366 14.61 -27.82 -9.58
N VAL A 367 15.11 -29.06 -9.60
CA VAL A 367 15.42 -29.83 -8.40
C VAL A 367 16.93 -29.90 -8.26
N ALA A 368 17.43 -29.52 -7.09
CA ALA A 368 18.88 -29.59 -6.86
C ALA A 368 19.25 -30.79 -6.00
N GLY B 2 22.25 3.58 -16.86
CA GLY B 2 21.82 4.94 -17.14
C GLY B 2 20.33 5.22 -16.91
N ILE B 3 19.98 5.57 -15.68
CA ILE B 3 18.59 5.87 -15.31
C ILE B 3 18.56 7.23 -14.62
N ARG B 4 17.64 8.10 -15.05
CA ARG B 4 17.61 9.49 -14.61
C ARG B 4 16.20 9.94 -14.24
N ILE B 5 16.12 10.72 -13.17
CA ILE B 5 14.92 11.51 -12.89
C ILE B 5 14.90 12.69 -13.85
N THR B 6 13.93 12.72 -14.77
CA THR B 6 13.96 13.69 -15.87
C THR B 6 12.89 14.78 -15.74
N GLY B 7 11.91 14.62 -14.88
CA GLY B 7 10.97 15.69 -14.63
C GLY B 7 10.33 15.54 -13.27
N THR B 8 9.91 16.66 -12.70
CA THR B 8 9.12 16.65 -11.47
C THR B 8 7.96 17.63 -11.60
N GLY B 9 6.89 17.34 -10.86
CA GLY B 9 5.70 18.17 -10.88
C GLY B 9 5.15 18.32 -9.48
N LEU B 10 4.39 19.39 -9.29
CA LEU B 10 3.99 19.84 -7.96
C LEU B 10 2.60 20.43 -8.04
N PHE B 11 1.72 19.99 -7.15
CA PHE B 11 0.41 20.60 -6.98
C PHE B 11 0.20 20.85 -5.50
N HIS B 12 -0.26 22.04 -5.14
CA HIS B 12 -0.76 22.25 -3.78
C HIS B 12 -2.11 22.93 -3.86
N PRO B 13 -2.99 22.66 -2.90
CA PRO B 13 -4.28 23.37 -2.88
C PRO B 13 -4.06 24.84 -2.60
N THR B 14 -5.14 25.61 -2.75
CA THR B 14 -5.02 27.07 -2.77
C THR B 14 -4.90 27.66 -1.38
N GLU B 15 -5.75 27.24 -0.46
CA GLU B 15 -5.90 27.93 0.81
C GLU B 15 -4.68 27.71 1.70
N ILE B 16 -4.27 28.77 2.39
CA ILE B 16 -3.12 28.77 3.28
C ILE B 16 -3.61 28.93 4.71
N ILE B 17 -3.00 28.19 5.65
CA ILE B 17 -3.25 28.33 7.07
C ILE B 17 -1.92 28.65 7.75
N SER B 18 -1.88 29.73 8.50
CA SER B 18 -0.64 30.11 9.16
C SER B 18 -0.62 29.61 10.59
N ASN B 19 0.59 29.56 11.15
CA ASN B 19 0.75 29.21 12.55
C ASN B 19 -0.24 29.95 13.44
N GLU B 20 -0.40 31.26 13.20
CA GLU B 20 -1.29 32.08 14.02
C GLU B 20 -2.72 31.55 14.00
N GLU B 21 -3.31 31.45 12.79
CA GLU B 21 -4.66 30.91 12.68
C GLU B 21 -4.77 29.53 13.34
N LEU B 22 -3.76 28.68 13.12
CA LEU B 22 -3.83 27.33 13.68
C LEU B 22 -3.80 27.36 15.20
N ALA B 23 -2.92 28.19 15.78
CA ALA B 23 -2.86 28.27 17.24
C ALA B 23 -4.15 28.86 17.81
N ASP B 24 -4.69 29.91 17.20
CA ASP B 24 -5.96 30.47 17.67
C ASP B 24 -7.07 29.44 17.64
N SER B 25 -7.13 28.64 16.57
CA SER B 25 -8.18 27.64 16.44
C SER B 25 -8.07 26.57 17.53
N LEU B 26 -6.87 26.04 17.75
CA LEU B 26 -6.66 25.06 18.82
C LEU B 26 -6.86 25.69 20.19
N ASN B 27 -6.31 26.90 20.41
CA ASN B 27 -6.52 27.58 21.68
C ASN B 27 -8.00 27.78 21.96
N ALA B 28 -8.81 28.04 20.92
CA ALA B 28 -10.25 28.17 21.11
C ALA B 28 -10.89 26.83 21.48
N TYR B 29 -10.43 25.74 20.87
CA TYR B 29 -10.97 24.43 21.24
C TYR B 29 -10.69 24.12 22.71
N VAL B 30 -9.43 24.36 23.14
CA VAL B 30 -9.04 23.96 24.49
C VAL B 30 -9.76 24.81 25.54
N GLU B 31 -9.84 26.13 25.32
CA GLU B 31 -10.61 26.99 26.24
C GLU B 31 -12.05 26.51 26.32
N GLN B 32 -12.61 26.07 25.20
CA GLN B 32 -13.98 25.60 25.20
C GLN B 32 -14.11 24.23 25.87
N TYR B 33 -13.13 23.35 25.65
CA TYR B 33 -13.17 22.03 26.28
C TYR B 33 -12.93 22.14 27.78
N ASN B 34 -11.92 22.91 28.18
CA ASN B 34 -11.68 23.14 29.61
C ASN B 34 -12.83 23.88 30.28
N GLN B 35 -13.66 24.59 29.52
CA GLN B 35 -14.81 25.29 30.08
C GLN B 35 -15.93 24.31 30.43
N GLU B 36 -16.29 23.42 29.50
CA GLU B 36 -17.36 22.46 29.76
C GLU B 36 -16.98 21.36 30.74
N ASN B 37 -15.69 21.20 31.05
CA ASN B 37 -15.24 20.10 31.90
C ASN B 37 -14.47 20.59 33.12
N ALA B 38 -14.67 21.85 33.54
CA ALA B 38 -13.94 22.38 34.70
C ALA B 38 -14.14 21.51 35.94
N GLU B 39 -15.26 20.78 36.02
CA GLU B 39 -15.50 19.88 37.14
C GLU B 39 -14.52 18.72 37.13
N LYS B 40 -14.60 17.88 36.09
CA LYS B 40 -13.77 16.68 36.02
C LYS B 40 -12.28 16.99 35.89
N ILE B 41 -11.90 18.23 35.59
CA ILE B 41 -10.49 18.58 35.65
C ILE B 41 -10.11 18.98 37.08
N ALA B 42 -11.03 19.61 37.82
CA ALA B 42 -10.82 19.79 39.25
C ALA B 42 -11.04 18.49 40.02
N ALA B 43 -11.99 17.67 39.57
CA ALA B 43 -12.23 16.36 40.15
C ALA B 43 -11.36 15.26 39.53
N GLY B 44 -10.23 15.63 38.93
CA GLY B 44 -9.20 14.69 38.48
C GLY B 44 -9.66 13.47 37.70
N GLU B 45 -10.51 13.66 36.71
CA GLU B 45 -10.95 12.58 35.84
C GLU B 45 -10.56 12.81 34.39
N LEU B 46 -10.83 14.01 33.86
CA LEU B 46 -10.35 14.40 32.55
C LEU B 46 -9.20 15.39 32.73
N GLU B 47 -8.19 15.26 31.87
CA GLU B 47 -7.04 16.14 31.95
C GLU B 47 -7.36 17.51 31.38
N GLU B 48 -6.69 18.53 31.91
CA GLU B 48 -6.90 19.90 31.46
C GLU B 48 -6.00 20.16 30.25
N LEU B 49 -6.61 20.34 29.08
CA LEU B 49 -5.87 20.51 27.84
C LEU B 49 -5.01 21.77 27.88
N ARG B 50 -3.82 21.67 27.30
CA ARG B 50 -2.94 22.82 27.12
C ARG B 50 -2.98 23.28 25.68
N GLY B 51 -2.80 24.59 25.48
CA GLY B 51 -2.81 25.18 24.16
C GLY B 51 -1.42 25.26 23.55
N SER B 52 -1.34 25.88 22.37
CA SER B 52 -0.06 26.03 21.70
C SER B 52 0.17 27.50 21.32
N SER B 53 1.41 27.80 20.92
CA SER B 53 1.78 29.14 20.50
C SER B 53 2.46 29.08 19.13
N ALA B 54 2.07 30.03 18.26
CA ALA B 54 2.72 30.15 16.96
C ALA B 54 4.21 30.42 17.10
N GLU B 55 4.63 31.08 18.18
CA GLU B 55 6.06 31.28 18.38
C GLU B 55 6.77 29.95 18.63
N PHE B 56 6.18 29.10 19.48
CA PHE B 56 6.75 27.77 19.70
C PHE B 56 6.89 27.01 18.38
N ILE B 57 5.81 26.98 17.59
CA ILE B 57 5.80 26.19 16.36
C ILE B 57 6.99 26.57 15.49
N GLU B 58 7.15 27.86 15.24
CA GLU B 58 8.19 28.28 14.31
C GLU B 58 9.59 27.95 14.82
N LYS B 59 9.85 28.15 16.12
CA LYS B 59 11.22 27.87 16.52
C LYS B 59 11.46 26.37 16.73
N ALA B 60 10.40 25.61 17.04
CA ALA B 60 10.58 24.16 17.20
C ALA B 60 10.95 23.49 15.88
N SER B 61 10.39 23.96 14.76
CA SER B 61 10.44 23.24 13.50
C SER B 61 10.87 24.07 12.29
N GLY B 62 10.70 25.40 12.30
CA GLY B 62 10.91 26.24 11.14
C GLY B 62 9.69 26.41 10.26
N ILE B 63 8.58 25.78 10.61
CA ILE B 63 7.35 25.84 9.82
C ILE B 63 6.67 27.17 10.09
N LYS B 64 6.21 27.84 9.03
CA LYS B 64 5.44 29.07 9.19
C LYS B 64 4.01 28.94 8.69
N ARG B 65 3.79 28.28 7.56
CA ARG B 65 2.48 28.15 6.94
C ARG B 65 2.35 26.75 6.34
N ARG B 66 1.15 26.44 5.86
CA ARG B 66 0.94 25.21 5.12
C ARG B 66 -0.34 25.34 4.31
N TYR B 67 -0.36 24.65 3.16
CA TYR B 67 -1.53 24.58 2.30
C TYR B 67 -2.44 23.45 2.78
N VAL B 68 -3.75 23.60 2.56
CA VAL B 68 -4.71 22.65 3.09
C VAL B 68 -5.83 22.45 2.08
N ILE B 69 -6.42 21.26 2.08
CA ILE B 69 -7.45 20.95 1.08
C ILE B 69 -8.67 21.84 1.28
N GLU B 70 -9.00 22.18 2.51
CA GLU B 70 -10.19 22.99 2.79
C GLU B 70 -9.97 23.65 4.15
N LYS B 71 -10.02 24.99 4.18
CA LYS B 71 -9.53 25.72 5.34
C LYS B 71 -10.55 25.80 6.47
N SER B 72 -11.81 26.09 6.15
CA SER B 72 -12.72 26.53 7.19
C SER B 72 -12.97 25.44 8.22
N GLY B 73 -13.07 24.18 7.77
CA GLY B 73 -13.43 23.11 8.69
C GLY B 73 -12.30 22.72 9.62
N ILE B 74 -11.05 22.79 9.12
CA ILE B 74 -9.89 22.58 9.97
C ILE B 74 -9.85 23.61 11.11
N LEU B 75 -10.14 24.88 10.80
CA LEU B 75 -10.02 25.95 11.79
C LEU B 75 -11.23 26.04 12.70
N ASP B 76 -12.40 25.64 12.22
CA ASP B 76 -13.60 25.59 13.03
C ASP B 76 -13.35 24.79 14.31
N PRO B 77 -13.35 25.43 15.49
CA PRO B 77 -13.07 24.68 16.72
C PRO B 77 -14.13 23.65 17.10
N THR B 78 -15.27 23.61 16.41
CA THR B 78 -16.29 22.59 16.65
C THR B 78 -16.12 21.36 15.75
N ARG B 79 -15.25 21.42 14.75
CA ARG B 79 -15.08 20.32 13.80
C ARG B 79 -13.64 19.85 13.73
N LEU B 80 -12.71 20.75 13.44
CA LEU B 80 -11.28 20.43 13.45
C LEU B 80 -10.91 19.37 12.42
N ARG B 81 -11.47 19.51 11.21
CA ARG B 81 -11.14 18.61 10.10
C ARG B 81 -11.74 19.20 8.83
N PRO B 82 -11.12 18.97 7.67
CA PRO B 82 -11.63 19.58 6.44
C PRO B 82 -13.09 19.23 6.20
N ARG B 83 -13.80 20.14 5.55
CA ARG B 83 -15.16 19.88 5.06
C ARG B 83 -15.04 19.35 3.64
N LEU B 84 -15.18 18.04 3.49
CA LEU B 84 -15.19 17.40 2.18
C LEU B 84 -16.56 16.77 1.98
N SER B 85 -16.82 16.34 0.75
CA SER B 85 -18.04 15.64 0.37
C SER B 85 -17.69 14.35 -0.34
N GLU B 86 -18.53 13.33 -0.15
CA GLU B 86 -18.36 12.08 -0.88
C GLU B 86 -18.56 12.33 -2.37
N ARG B 87 -17.65 11.79 -3.18
CA ARG B 87 -17.80 11.77 -4.62
C ARG B 87 -18.35 10.43 -5.08
N SER B 88 -19.05 10.42 -6.21
CA SER B 88 -19.48 9.13 -6.70
C SER B 88 -18.34 8.47 -7.48
N ASN B 89 -18.49 7.17 -7.71
CA ASN B 89 -17.48 6.40 -8.42
C ASN B 89 -17.19 6.94 -9.82
N ASP B 90 -18.16 7.62 -10.45
CA ASP B 90 -17.96 8.17 -11.79
C ASP B 90 -16.97 9.33 -11.78
N GLU B 91 -16.76 9.94 -10.63
CA GLU B 91 -15.89 11.10 -10.52
C GLU B 91 -14.50 10.65 -10.09
N LEU B 92 -13.51 11.40 -10.55
CA LEU B 92 -12.14 11.21 -10.13
C LEU B 92 -12.01 11.47 -8.63
N SER B 93 -11.44 10.52 -7.91
CA SER B 93 -11.28 10.70 -6.47
C SER B 93 -10.34 11.86 -6.20
N ILE B 94 -10.44 12.41 -4.99
CA ILE B 94 -9.61 13.56 -4.64
C ILE B 94 -8.12 13.21 -4.77
N GLN B 95 -7.74 12.05 -4.24
CA GLN B 95 -6.34 11.63 -4.33
C GLN B 95 -5.91 11.45 -5.78
N ALA B 96 -6.76 10.85 -6.61
CA ALA B 96 -6.39 10.69 -8.02
C ALA B 96 -6.31 12.06 -8.72
N GLU B 97 -7.23 12.97 -8.38
CA GLU B 97 -7.25 14.28 -9.03
C GLU B 97 -5.95 15.03 -8.78
N TRP B 98 -5.49 15.06 -7.51
CA TRP B 98 -4.24 15.73 -7.19
C TRP B 98 -3.07 15.09 -7.89
N GLY B 99 -3.03 13.75 -7.91
CA GLY B 99 -1.92 13.07 -8.56
C GLY B 99 -1.90 13.28 -10.07
N VAL B 100 -3.08 13.41 -10.69
CA VAL B 100 -3.12 13.70 -12.12
C VAL B 100 -2.51 15.07 -12.41
N ILE B 101 -2.90 16.07 -11.62
CA ILE B 101 -2.41 17.43 -11.85
C ILE B 101 -0.91 17.47 -11.75
N ALA B 102 -0.37 16.89 -10.67
CA ALA B 102 1.08 16.81 -10.52
C ALA B 102 1.70 15.98 -11.64
N ALA B 103 1.04 14.90 -12.05
CA ALA B 103 1.64 14.01 -13.04
C ALA B 103 1.79 14.71 -14.39
N LYS B 104 0.76 15.44 -14.82
CA LYS B 104 0.84 16.17 -16.09
C LYS B 104 1.97 17.20 -16.08
N GLN B 105 2.15 17.90 -14.96
CA GLN B 105 3.25 18.84 -14.88
C GLN B 105 4.60 18.12 -14.99
N ALA B 106 4.75 16.98 -14.30
CA ALA B 106 6.00 16.26 -14.40
C ALA B 106 6.19 15.64 -15.77
N MET B 107 5.09 15.22 -16.42
CA MET B 107 5.19 14.71 -17.78
C MET B 107 5.59 15.82 -18.74
N GLU B 108 4.99 17.00 -18.57
CA GLU B 108 5.35 18.15 -19.42
C GLU B 108 6.83 18.49 -19.26
N ASN B 109 7.31 18.59 -18.02
CA ASN B 109 8.70 18.94 -17.77
C ASN B 109 9.68 17.90 -18.28
N ALA B 110 9.23 16.67 -18.53
CA ALA B 110 10.11 15.65 -19.06
C ALA B 110 9.99 15.48 -20.56
N GLY B 111 9.06 16.19 -21.21
CA GLY B 111 8.84 16.03 -22.62
C GLY B 111 8.36 14.63 -22.92
N VAL B 112 7.24 14.24 -22.31
CA VAL B 112 6.77 12.87 -22.34
C VAL B 112 5.25 12.85 -22.39
N THR B 113 4.70 11.86 -23.08
CA THR B 113 3.27 11.66 -23.19
C THR B 113 2.87 10.32 -22.55
N ALA B 114 1.55 10.12 -22.39
CA ALA B 114 1.05 8.88 -21.80
C ALA B 114 1.64 7.65 -22.49
N GLU B 115 1.74 7.71 -23.83
CA GLU B 115 2.36 6.66 -24.62
C GLU B 115 3.72 6.23 -24.07
N ASP B 116 4.47 7.17 -23.53
CA ASP B 116 5.84 6.90 -23.15
C ASP B 116 5.99 6.19 -21.81
N ILE B 117 4.90 6.01 -21.05
CA ILE B 117 4.97 5.55 -19.67
C ILE B 117 4.54 4.08 -19.60
N ASP B 118 5.31 3.27 -18.86
CA ASP B 118 4.99 1.85 -18.69
C ASP B 118 4.47 1.50 -17.30
N VAL B 119 4.87 2.23 -16.26
CA VAL B 119 4.50 1.90 -14.89
C VAL B 119 4.07 3.17 -14.17
N VAL B 120 3.00 3.06 -13.38
CA VAL B 120 2.55 4.16 -12.51
C VAL B 120 2.55 3.67 -11.07
N ILE B 121 3.29 4.37 -10.20
CA ILE B 121 3.39 4.01 -8.80
C ILE B 121 2.81 5.13 -7.95
N LEU B 122 1.89 4.81 -7.08
CA LEU B 122 1.43 5.75 -6.08
C LEU B 122 2.09 5.38 -4.75
N ALA B 123 2.93 6.26 -4.24
CA ALA B 123 3.81 5.99 -3.10
C ALA B 123 3.60 7.12 -2.10
N CYS B 124 2.79 6.89 -1.08
CA CYS B 124 2.56 7.93 -0.11
C CYS B 124 2.17 7.30 1.22
N SER B 125 1.86 8.15 2.19
CA SER B 125 1.65 7.70 3.55
C SER B 125 0.24 7.21 3.81
N ASN B 126 -0.72 7.46 2.92
CA ASN B 126 -2.09 7.03 3.18
C ASN B 126 -2.89 7.00 1.88
N MET B 127 -3.48 5.85 1.58
CA MET B 127 -4.33 5.68 0.41
C MET B 127 -5.78 5.95 0.76
N GLN B 128 -6.48 6.63 -0.16
CA GLN B 128 -7.86 7.01 0.06
C GLN B 128 -8.76 5.79 0.20
N ARG B 129 -8.40 4.67 -0.41
CA ARG B 129 -9.22 3.46 -0.35
C ARG B 129 -8.33 2.28 -0.71
N ALA B 130 -8.85 1.07 -0.46
CA ALA B 130 -8.07 -0.16 -0.63
C ALA B 130 -8.09 -0.67 -2.07
N TYR B 131 -9.26 -0.71 -2.69
CA TYR B 131 -9.35 -1.15 -4.08
C TYR B 131 -10.55 -0.47 -4.68
N PRO B 132 -10.54 -0.21 -6.00
CA PRO B 132 -9.39 -0.43 -6.90
C PRO B 132 -8.28 0.56 -6.57
N ALA B 133 -7.02 0.17 -6.78
CA ALA B 133 -5.90 1.01 -6.40
C ALA B 133 -6.05 2.40 -7.01
N VAL B 134 -5.76 3.44 -6.23
CA VAL B 134 -5.94 4.76 -6.84
C VAL B 134 -4.80 5.05 -7.84
N ALA B 135 -3.70 4.29 -7.77
CA ALA B 135 -2.68 4.38 -8.82
C ALA B 135 -3.25 3.94 -10.17
N ILE B 136 -4.08 2.91 -10.16
CA ILE B 136 -4.77 2.48 -11.39
C ILE B 136 -5.71 3.57 -11.87
N GLU B 137 -6.44 4.21 -10.93
CA GLU B 137 -7.31 5.34 -11.28
C GLU B 137 -6.51 6.48 -11.92
N ILE B 138 -5.33 6.78 -11.37
CA ILE B 138 -4.47 7.81 -11.96
C ILE B 138 -3.99 7.36 -13.33
N GLN B 139 -3.60 6.09 -13.45
CA GLN B 139 -3.09 5.56 -14.72
C GLN B 139 -4.14 5.70 -15.81
N SER B 140 -5.36 5.31 -15.52
CA SER B 140 -6.43 5.39 -16.51
C SER B 140 -6.79 6.84 -16.84
N ALA B 141 -6.75 7.74 -15.84
CA ALA B 141 -7.09 9.14 -16.11
C ALA B 141 -6.07 9.82 -17.01
N LEU B 142 -4.82 9.39 -16.94
CA LEU B 142 -3.80 9.90 -17.86
C LEU B 142 -3.76 9.14 -19.17
N GLY B 143 -4.49 8.02 -19.30
CA GLY B 143 -4.39 7.25 -20.52
C GLY B 143 -3.13 6.41 -20.64
N ILE B 144 -2.43 6.14 -19.53
CA ILE B 144 -1.20 5.34 -19.57
C ILE B 144 -1.57 3.86 -19.62
N GLN B 145 -0.74 3.08 -20.32
CA GLN B 145 -0.95 1.66 -20.48
C GLN B 145 0.23 0.89 -19.92
N GLY B 146 -0.06 -0.24 -19.30
CA GLY B 146 0.94 -0.99 -18.58
C GLY B 146 0.33 -1.39 -17.25
N TYR B 147 1.04 -1.19 -16.15
CA TYR B 147 0.48 -1.56 -14.87
C TYR B 147 0.75 -0.44 -13.85
N ALA B 148 0.03 -0.53 -12.73
CA ALA B 148 0.10 0.46 -11.65
C ALA B 148 -0.13 -0.24 -10.32
N TYR B 149 0.43 0.34 -9.25
CA TYR B 149 0.16 -0.18 -7.91
C TYR B 149 0.36 0.92 -6.86
N ASP B 150 -0.27 0.70 -5.70
CA ASP B 150 -0.15 1.56 -4.52
C ASP B 150 0.91 0.99 -3.58
N MET B 151 1.73 1.85 -3.00
CA MET B 151 2.81 1.42 -2.12
C MET B 151 2.96 2.40 -0.98
N ASN B 152 3.07 1.88 0.25
CA ASN B 152 3.08 2.72 1.44
C ASN B 152 4.28 2.36 2.32
N VAL B 153 5.17 3.35 2.53
CA VAL B 153 6.21 3.36 3.56
C VAL B 153 6.24 4.74 4.21
N ALA B 154 5.07 5.38 4.32
CA ALA B 154 4.93 6.71 4.92
C ALA B 154 6.01 7.71 4.45
N ALA B 155 6.89 8.13 5.35
CA ALA B 155 7.80 9.24 5.05
C ALA B 155 8.78 8.92 3.94
N SER B 156 9.19 7.67 3.81
CA SER B 156 10.20 7.32 2.82
C SER B 156 9.61 6.81 1.53
N ALA B 157 8.30 7.00 1.32
CA ALA B 157 7.65 6.36 0.18
C ALA B 157 8.21 6.86 -1.16
N ALA B 158 8.72 8.10 -1.22
CA ALA B 158 9.27 8.58 -2.49
C ALA B 158 10.63 7.96 -2.78
N THR B 159 11.53 7.90 -1.80
CA THR B 159 12.82 7.26 -2.07
C THR B 159 12.65 5.76 -2.31
N PHE B 160 11.74 5.11 -1.59
CA PHE B 160 11.47 3.69 -1.89
C PHE B 160 10.85 3.55 -3.28
N GLY B 161 9.96 4.47 -3.64
CA GLY B 161 9.36 4.41 -4.96
C GLY B 161 10.38 4.60 -6.07
N LEU B 162 11.30 5.54 -5.89
CA LEU B 162 12.37 5.73 -6.87
C LEU B 162 13.20 4.46 -7.05
N LYS B 163 13.55 3.78 -5.96
CA LYS B 163 14.26 2.51 -6.07
C LYS B 163 13.44 1.53 -6.88
N GLN B 164 12.14 1.44 -6.59
CA GLN B 164 11.26 0.54 -7.31
C GLN B 164 11.12 0.94 -8.77
N ALA B 165 11.06 2.25 -9.04
CA ALA B 165 11.03 2.69 -10.43
C ALA B 165 12.32 2.29 -11.14
N ALA B 166 13.46 2.52 -10.49
CA ALA B 166 14.75 2.20 -11.09
C ALA B 166 14.84 0.72 -11.40
N ASP B 167 14.46 -0.12 -10.43
CA ASP B 167 14.58 -1.56 -10.61
C ASP B 167 13.66 -2.04 -11.73
N ALA B 168 12.47 -1.44 -11.85
CA ALA B 168 11.59 -1.79 -12.96
C ALA B 168 12.19 -1.40 -14.31
N ILE B 169 12.88 -0.26 -14.38
CA ILE B 169 13.52 0.11 -15.64
C ILE B 169 14.68 -0.85 -15.95
N ARG B 170 15.51 -1.17 -14.96
CA ARG B 170 16.56 -2.17 -15.18
C ARG B 170 16.01 -3.49 -15.71
N SER B 171 14.74 -3.79 -15.48
CA SER B 171 14.13 -5.03 -15.91
C SER B 171 13.34 -4.91 -17.20
N GLY B 172 13.25 -3.72 -17.78
CA GLY B 172 12.59 -3.64 -19.06
C GLY B 172 11.64 -2.48 -19.27
N ALA B 173 11.28 -1.78 -18.19
CA ALA B 173 10.42 -0.62 -18.32
C ALA B 173 11.19 0.51 -19.02
N ARG B 174 10.49 1.26 -19.87
CA ARG B 174 11.14 2.42 -20.48
C ARG B 174 11.13 3.59 -19.52
N ARG B 175 9.98 3.87 -18.92
CA ARG B 175 9.73 5.07 -18.14
C ARG B 175 8.74 4.73 -17.05
N VAL B 176 8.92 5.36 -15.89
CA VAL B 176 8.03 5.19 -14.75
C VAL B 176 7.53 6.55 -14.29
N LEU B 177 6.23 6.63 -14.02
CA LEU B 177 5.62 7.78 -13.36
C LEU B 177 5.44 7.43 -11.88
N LEU B 178 6.06 8.22 -11.00
CA LEU B 178 5.99 8.04 -9.55
C LEU B 178 5.23 9.21 -8.95
N VAL B 179 4.13 8.91 -8.25
CA VAL B 179 3.25 9.95 -7.70
C VAL B 179 3.20 9.84 -6.18
N ASN B 180 3.24 10.99 -5.50
CA ASN B 180 3.10 11.07 -4.04
C ASN B 180 2.01 12.08 -3.68
N VAL B 181 0.88 11.60 -3.17
CA VAL B 181 -0.25 12.47 -2.84
C VAL B 181 -0.47 12.40 -1.33
N GLU B 182 -0.35 13.55 -0.68
CA GLU B 182 -0.31 13.60 0.78
C GLU B 182 -1.40 14.56 1.23
N ILE B 183 -2.60 14.04 1.47
CA ILE B 183 -3.66 14.79 2.12
C ILE B 183 -3.59 14.54 3.63
N THR B 184 -2.56 15.11 4.28
CA THR B 184 -2.35 14.86 5.71
C THR B 184 -3.46 15.44 6.59
N SER B 185 -4.21 16.43 6.10
CA SER B 185 -5.27 16.97 6.93
C SER B 185 -6.38 15.95 7.20
N GLY B 186 -6.43 14.86 6.42
CA GLY B 186 -7.39 13.81 6.68
C GLY B 186 -7.04 12.91 7.85
N HIS B 187 -5.77 12.92 8.29
CA HIS B 187 -5.38 12.06 9.39
C HIS B 187 -4.49 12.76 10.42
N LEU B 188 -4.32 14.08 10.33
CA LEU B 188 -3.70 14.82 11.42
C LEU B 188 -4.71 15.04 12.55
N ASP B 189 -4.20 15.09 13.79
CA ASP B 189 -5.04 15.31 14.97
C ASP B 189 -5.00 16.79 15.35
N TYR B 190 -6.00 17.56 14.92
CA TYR B 190 -6.02 19.00 15.15
C TYR B 190 -6.37 19.38 16.58
N ARG B 191 -6.78 18.42 17.43
CA ARG B 191 -6.93 18.68 18.84
C ARG B 191 -5.60 18.63 19.59
N ASN B 192 -4.55 18.06 19.00
CA ASN B 192 -3.32 17.72 19.71
C ASN B 192 -2.28 18.80 19.45
N ARG B 193 -2.02 19.59 20.47
CA ARG B 193 -0.94 20.57 20.53
C ARG B 193 0.42 20.01 20.09
N ASP B 194 0.68 18.74 20.35
CA ASP B 194 2.01 18.18 20.06
C ASP B 194 2.30 18.10 18.56
N CYS B 195 1.26 17.96 17.73
CA CYS B 195 1.46 17.62 16.33
C CYS B 195 0.56 18.36 15.34
N HIS B 196 -0.39 19.16 15.80
CA HIS B 196 -1.34 19.76 14.87
C HIS B 196 -0.68 20.71 13.88
N PHE B 197 0.53 21.19 14.17
CA PHE B 197 1.21 22.13 13.30
C PHE B 197 2.13 21.46 12.28
N ILE B 198 2.34 20.14 12.38
CA ILE B 198 3.46 19.54 11.66
C ILE B 198 3.18 19.43 10.16
N PHE B 199 1.95 19.14 9.76
CA PHE B 199 1.74 18.61 8.42
C PHE B 199 0.97 19.55 7.51
N GLY B 200 1.31 19.48 6.20
CA GLY B 200 0.54 20.15 5.17
C GLY B 200 0.16 19.17 4.07
N ASP B 201 -0.69 19.63 3.15
CA ASP B 201 -1.13 18.86 1.99
C ASP B 201 -0.37 19.25 0.73
N VAL B 202 -0.19 18.28 -0.16
CA VAL B 202 0.53 18.49 -1.42
C VAL B 202 0.44 17.23 -2.28
N ALA B 203 0.78 17.36 -3.56
CA ALA B 203 1.00 16.22 -4.43
C ALA B 203 2.25 16.51 -5.24
N THR B 204 3.10 15.48 -5.41
CA THR B 204 4.27 15.57 -6.24
C THR B 204 4.29 14.41 -7.22
N ALA B 205 5.08 14.55 -8.28
CA ALA B 205 5.22 13.48 -9.26
C ALA B 205 6.59 13.59 -9.87
N SER B 206 7.07 12.46 -10.42
CA SER B 206 8.41 12.34 -10.98
C SER B 206 8.37 11.39 -12.16
N ILE B 207 9.18 11.69 -13.17
CA ILE B 207 9.37 10.82 -14.32
C ILE B 207 10.77 10.25 -14.21
N ILE B 208 10.89 8.92 -14.30
CA ILE B 208 12.18 8.25 -14.26
C ILE B 208 12.33 7.46 -15.56
N GLU B 209 13.46 7.64 -16.23
CA GLU B 209 13.67 7.05 -17.55
C GLU B 209 15.04 6.41 -17.64
N GLU B 210 15.13 5.37 -18.48
CA GLU B 210 16.41 4.92 -19.00
C GLU B 210 16.83 5.88 -20.11
N THR B 211 17.96 6.55 -19.94
CA THR B 211 18.38 7.57 -20.90
C THR B 211 19.79 8.00 -20.54
N THR B 212 20.54 8.41 -21.55
CA THR B 212 21.79 9.12 -21.33
C THR B 212 21.80 10.45 -22.07
N THR B 213 20.68 10.83 -22.68
CA THR B 213 20.59 12.01 -23.52
C THR B 213 19.53 13.01 -23.05
N LYS B 214 18.94 12.81 -21.88
CA LYS B 214 17.96 13.75 -21.35
C LYS B 214 18.54 14.43 -20.12
N THR B 215 18.26 15.71 -19.98
CA THR B 215 18.66 16.42 -18.77
C THR B 215 17.92 15.83 -17.59
N GLY B 216 18.65 15.52 -16.53
CA GLY B 216 18.03 14.99 -15.33
C GLY B 216 19.07 14.54 -14.33
N PHE B 217 18.58 13.90 -13.27
CA PHE B 217 19.43 13.40 -12.19
C PHE B 217 19.60 11.90 -12.36
N GLU B 218 20.84 11.48 -12.65
CA GLU B 218 21.15 10.07 -12.77
C GLU B 218 21.28 9.46 -11.37
N ILE B 219 20.56 8.36 -11.15
CA ILE B 219 20.56 7.66 -9.87
C ILE B 219 21.80 6.78 -9.81
N LEU B 220 22.63 6.99 -8.79
CA LEU B 220 23.91 6.29 -8.68
C LEU B 220 23.97 5.27 -7.54
N ASP B 221 23.23 5.49 -6.46
CA ASP B 221 23.26 4.55 -5.36
C ASP B 221 22.04 4.80 -4.51
N ILE B 222 21.47 3.72 -3.99
CA ILE B 222 20.29 3.77 -3.14
C ILE B 222 20.52 2.89 -1.93
N HIS B 223 20.30 3.44 -0.75
CA HIS B 223 20.30 2.68 0.48
C HIS B 223 18.95 2.85 1.14
N LEU B 224 18.23 1.75 1.33
CA LEU B 224 16.92 1.70 1.96
C LEU B 224 17.05 1.01 3.31
N PHE B 225 16.31 1.48 4.32
CA PHE B 225 16.42 0.89 5.65
C PHE B 225 15.08 1.01 6.37
N THR B 226 14.67 -0.06 7.07
CA THR B 226 13.53 0.05 7.98
C THR B 226 13.86 -0.70 9.26
N GLN B 227 13.16 -0.29 10.32
CA GLN B 227 13.36 -0.79 11.68
C GLN B 227 12.12 -0.40 12.52
N PHE B 228 11.29 -1.38 12.86
CA PHE B 228 10.01 -1.09 13.49
C PHE B 228 10.16 -0.18 14.71
N SER B 229 9.36 0.89 14.74
CA SER B 229 9.23 1.73 15.92
C SER B 229 7.78 2.12 16.07
N ASN B 230 7.29 2.10 17.32
CA ASN B 230 5.97 2.61 17.64
C ASN B 230 5.95 4.11 17.92
N ASN B 231 7.08 4.81 17.74
CA ASN B 231 7.17 6.23 18.08
C ASN B 231 6.39 7.15 17.12
N ILE B 232 5.94 6.65 15.98
CA ILE B 232 4.99 7.32 15.08
C ILE B 232 3.97 6.27 14.64
N ARG B 233 2.69 6.52 14.90
CA ARG B 233 1.71 5.46 14.70
C ARG B 233 0.30 6.04 14.58
N ASN B 234 -0.49 5.44 13.70
CA ASN B 234 -1.90 5.77 13.51
C ASN B 234 -2.61 4.44 13.37
N ASN B 235 -3.61 4.17 14.22
CA ASN B 235 -4.23 2.84 14.30
C ASN B 235 -5.54 2.73 13.54
N PHE B 236 -5.91 3.75 12.77
CA PHE B 236 -7.06 3.66 11.88
C PHE B 236 -6.89 2.56 10.86
N GLY B 237 -7.96 1.81 10.60
CA GLY B 237 -7.89 0.72 9.64
C GLY B 237 -9.22 0.00 9.51
N PHE B 238 -9.27 -0.89 8.52
CA PHE B 238 -10.51 -1.58 8.14
C PHE B 238 -10.98 -2.58 9.19
N LEU B 239 -10.16 -2.93 10.16
CA LEU B 239 -10.59 -3.81 11.23
C LEU B 239 -11.14 -3.08 12.45
N ASN B 240 -11.07 -1.73 12.48
CA ASN B 240 -11.61 -1.00 13.63
C ASN B 240 -13.07 -1.34 13.88
N ARG B 241 -13.84 -1.49 12.80
CA ARG B 241 -15.26 -1.81 12.91
C ARG B 241 -15.46 -3.15 13.62
N SER B 242 -14.65 -4.15 13.28
CA SER B 242 -14.79 -5.47 13.87
C SER B 242 -14.17 -5.58 15.26
N GLU B 243 -13.22 -4.68 15.60
CA GLU B 243 -12.75 -4.58 16.99
C GLU B 243 -13.69 -3.77 17.86
N ASP B 244 -14.74 -3.18 17.29
CA ASP B 244 -15.57 -2.20 18.00
C ASP B 244 -14.68 -1.24 18.75
N ALA B 245 -13.71 -0.67 18.02
CA ALA B 245 -12.62 0.08 18.64
C ALA B 245 -13.13 1.32 19.36
N VAL B 246 -12.45 1.66 20.45
CA VAL B 246 -12.77 2.85 21.23
C VAL B 246 -11.56 3.68 21.58
N VAL B 247 -10.34 3.16 21.47
CA VAL B 247 -9.17 3.94 21.85
C VAL B 247 -8.98 5.10 20.88
N ASP B 248 -8.68 6.27 21.44
CA ASP B 248 -8.57 7.52 20.70
C ASP B 248 -7.17 7.62 20.10
N ASP B 249 -6.89 6.70 19.15
CA ASP B 249 -5.58 6.68 18.50
C ASP B 249 -5.72 6.42 17.00
N LYS B 250 -6.86 6.80 16.42
CA LYS B 250 -7.12 6.61 15.00
C LYS B 250 -6.67 7.80 14.17
N LEU B 251 -5.67 8.53 14.67
CA LEU B 251 -5.10 9.68 13.98
C LEU B 251 -3.60 9.65 14.21
N PHE B 252 -2.89 10.60 13.59
CA PHE B 252 -1.45 10.70 13.77
C PHE B 252 -1.10 10.91 15.23
N ARG B 253 -0.12 10.13 15.71
CA ARG B 253 0.45 10.28 17.04
C ARG B 253 1.95 10.07 16.97
N GLN B 254 2.72 10.90 17.68
CA GLN B 254 4.14 10.65 17.70
C GLN B 254 4.75 11.11 19.01
N ASP B 255 5.87 10.51 19.38
CA ASP B 255 6.76 10.99 20.44
C ASP B 255 7.91 11.71 19.76
N GLY B 256 7.72 13.00 19.47
CA GLY B 256 8.64 13.70 18.58
C GLY B 256 10.08 13.73 19.07
N ARG B 257 10.29 13.80 20.38
CA ARG B 257 11.66 13.93 20.82
C ARG B 257 12.39 12.60 20.75
N LYS B 258 11.70 11.49 21.04
CA LYS B 258 12.27 10.16 20.80
C LYS B 258 12.59 9.96 19.33
N VAL B 259 11.69 10.42 18.44
CA VAL B 259 11.94 10.33 17.00
C VAL B 259 13.23 11.06 16.63
N PHE B 260 13.38 12.28 17.12
CA PHE B 260 14.56 13.10 16.85
C PHE B 260 15.84 12.36 17.19
N LYS B 261 15.93 11.84 18.44
CA LYS B 261 17.15 11.19 18.90
C LYS B 261 17.45 9.92 18.12
N ASP B 262 16.41 9.14 17.80
CA ASP B 262 16.62 7.89 17.09
C ASP B 262 17.05 8.14 15.64
N VAL B 263 16.39 9.07 14.97
CA VAL B 263 16.47 9.10 13.51
C VAL B 263 17.60 10.00 13.01
N ALA B 264 17.90 11.09 13.71
CA ALA B 264 18.95 11.99 13.23
C ALA B 264 20.29 11.31 13.10
N PRO B 265 20.85 10.65 14.12
CA PRO B 265 22.15 9.98 13.91
C PRO B 265 22.07 8.85 12.90
N LEU B 266 20.91 8.21 12.80
CA LEU B 266 20.74 7.12 11.84
C LEU B 266 20.86 7.61 10.41
N VAL B 267 20.22 8.74 10.08
CA VAL B 267 20.30 9.29 8.73
C VAL B 267 21.73 9.65 8.37
N ALA B 268 22.44 10.30 9.29
CA ALA B 268 23.81 10.73 9.02
C ALA B 268 24.74 9.53 8.84
N LYS B 269 24.55 8.48 9.63
CA LYS B 269 25.37 7.29 9.45
C LYS B 269 25.11 6.65 8.09
N ILE B 270 23.84 6.62 7.64
CA ILE B 270 23.53 6.06 6.32
C ILE B 270 24.19 6.88 5.23
N ILE B 271 24.04 8.21 5.28
CA ILE B 271 24.60 9.05 4.22
C ILE B 271 26.13 8.95 4.20
N ASN B 272 26.77 9.07 5.37
CA ASN B 272 28.23 9.00 5.41
C ASN B 272 28.72 7.68 4.81
N ALA B 273 28.11 6.56 5.20
CA ALA B 273 28.53 5.28 4.66
C ALA B 273 28.26 5.22 3.16
N GLN B 274 27.15 5.81 2.73
CA GLN B 274 26.83 5.83 1.30
C GLN B 274 27.86 6.66 0.53
N LEU B 275 28.28 7.81 1.08
CA LEU B 275 29.29 8.62 0.43
C LEU B 275 30.63 7.88 0.37
N GLU B 276 31.05 7.30 1.49
CA GLU B 276 32.27 6.50 1.51
C GLU B 276 32.22 5.40 0.46
N LYS B 277 31.10 4.67 0.39
CA LYS B 277 30.95 3.64 -0.63
C LYS B 277 31.17 4.20 -2.03
N MET B 278 30.59 5.37 -2.31
CA MET B 278 30.71 5.98 -3.62
C MET B 278 32.07 6.61 -3.85
N GLN B 279 32.92 6.64 -2.82
CA GLN B 279 34.19 7.36 -2.86
C GLN B 279 33.96 8.83 -3.20
N LEU B 280 33.01 9.43 -2.48
CA LEU B 280 32.80 10.87 -2.45
C LEU B 280 32.98 11.35 -1.01
N THR B 281 33.17 12.66 -0.86
CA THR B 281 33.15 13.30 0.43
C THR B 281 31.97 14.26 0.46
N ALA B 282 31.65 14.75 1.66
CA ALA B 282 30.54 15.68 1.79
C ALA B 282 30.75 16.92 0.93
N ASN B 283 32.01 17.36 0.79
CA ASN B 283 32.33 18.51 -0.04
C ASN B 283 31.92 18.33 -1.50
N ASP B 284 31.76 17.08 -1.96
CA ASP B 284 31.34 16.79 -3.32
C ASP B 284 29.85 16.98 -3.54
N ILE B 285 29.06 17.14 -2.49
CA ILE B 285 27.61 17.21 -2.60
C ILE B 285 27.21 18.68 -2.66
N LYS B 286 26.58 19.07 -3.77
CA LYS B 286 26.13 20.44 -3.95
C LYS B 286 24.84 20.71 -3.20
N ARG B 287 23.95 19.74 -3.11
CA ARG B 287 22.65 19.93 -2.49
C ARG B 287 22.22 18.63 -1.81
N PHE B 288 21.96 18.70 -0.50
CA PHE B 288 21.28 17.63 0.22
C PHE B 288 19.79 17.95 0.25
N TRP B 289 18.99 17.10 -0.39
CA TRP B 289 17.53 17.21 -0.33
C TRP B 289 17.07 16.27 0.77
N LEU B 290 16.83 16.82 1.96
CA LEU B 290 16.46 16.06 3.14
C LEU B 290 14.95 16.07 3.33
N HIS B 291 14.47 15.08 4.08
CA HIS B 291 13.09 15.09 4.57
C HIS B 291 12.73 16.45 5.13
N GLN B 292 11.49 16.87 4.88
CA GLN B 292 11.06 18.22 5.14
C GLN B 292 10.07 18.22 6.30
N ALA B 293 10.57 17.89 7.47
CA ALA B 293 9.81 17.81 8.71
C ALA B 293 10.21 18.86 9.73
N ASN B 294 11.51 19.04 9.93
CA ASN B 294 12.01 19.84 11.05
C ASN B 294 13.33 20.48 10.64
N ALA B 295 13.36 21.81 10.61
CA ALA B 295 14.57 22.49 10.14
C ALA B 295 15.74 22.26 11.09
N ASN B 296 15.49 22.17 12.40
CA ASN B 296 16.57 21.90 13.34
C ASN B 296 17.18 20.54 13.10
N MET B 297 16.35 19.52 12.91
CA MET B 297 16.85 18.19 12.61
C MET B 297 17.73 18.21 11.38
N ASN B 298 17.24 18.79 10.29
CA ASN B 298 18.02 18.87 9.07
C ASN B 298 19.34 19.60 9.31
N GLU B 299 19.29 20.73 10.03
CA GLU B 299 20.50 21.46 10.38
C GLU B 299 21.51 20.56 11.11
N LEU B 300 21.02 19.76 12.06
CA LEU B 300 21.94 18.87 12.77
C LEU B 300 22.50 17.80 11.85
N ILE B 301 21.66 17.22 10.98
CA ILE B 301 22.16 16.18 10.08
C ILE B 301 23.19 16.76 9.12
N LEU B 302 22.94 17.97 8.60
CA LEU B 302 23.91 18.60 7.71
C LEU B 302 25.23 18.83 8.44
N LYS B 303 25.20 19.55 9.55
CA LYS B 303 26.45 19.88 10.21
C LYS B 303 27.16 18.66 10.77
N TYR B 304 26.54 17.47 10.75
CA TYR B 304 27.22 16.24 11.13
C TYR B 304 27.84 15.51 9.94
N VAL B 305 27.24 15.60 8.77
CA VAL B 305 27.78 14.92 7.59
C VAL B 305 28.78 15.81 6.87
N ALA B 306 28.48 17.10 6.77
CA ALA B 306 29.28 18.06 6.03
C ALA B 306 30.05 19.02 6.93
N GLY B 307 30.01 18.84 8.24
CA GLY B 307 30.80 19.62 9.18
C GLY B 307 30.16 20.96 9.50
N LYS B 308 30.55 21.50 10.66
CA LYS B 308 30.25 22.89 10.97
C LYS B 308 30.82 23.79 9.87
N ASP B 309 30.20 24.96 9.71
CA ASP B 309 30.53 25.95 8.67
C ASP B 309 29.96 25.61 7.30
N ALA B 310 29.47 24.38 7.12
CA ALA B 310 28.78 24.05 5.88
C ALA B 310 27.63 25.03 5.66
N ASP B 311 27.55 25.56 4.45
CA ASP B 311 26.52 26.55 4.16
C ASP B 311 25.13 25.92 4.23
N LEU B 312 24.24 26.52 5.01
CA LEU B 312 22.90 25.99 5.13
C LEU B 312 22.15 25.99 3.82
N SER B 313 22.63 26.71 2.81
CA SER B 313 21.99 26.63 1.49
C SER B 313 22.31 25.33 0.78
N ARG B 314 23.28 24.54 1.29
CA ARG B 314 23.46 23.19 0.79
C ARG B 314 22.26 22.29 1.13
N ALA B 315 21.44 22.66 2.11
CA ALA B 315 20.30 21.84 2.50
C ALA B 315 19.04 22.71 2.38
N PRO B 316 18.48 22.83 1.18
CA PRO B 316 17.31 23.69 0.98
C PRO B 316 16.14 23.29 1.86
N ILE B 317 15.32 24.27 2.21
CA ILE B 317 14.21 24.10 3.13
C ILE B 317 12.96 24.60 2.42
N ILE B 318 11.95 23.73 2.31
CA ILE B 318 10.64 24.15 1.84
C ILE B 318 9.56 23.94 2.89
N LEU B 319 9.93 23.39 4.06
CA LEU B 319 8.92 23.12 5.08
C LEU B 319 8.36 24.39 5.66
N ASP B 320 9.08 25.51 5.53
CA ASP B 320 8.56 26.79 5.98
C ASP B 320 7.25 27.14 5.29
N GLU B 321 7.15 26.86 3.98
CA GLU B 321 5.96 27.17 3.18
C GLU B 321 4.95 26.03 3.16
N PHE B 322 5.41 24.79 3.21
CA PHE B 322 4.56 23.62 3.02
C PHE B 322 4.27 22.86 4.31
N ALA B 323 4.98 23.15 5.41
CA ALA B 323 5.02 22.28 6.59
C ALA B 323 5.49 20.89 6.17
N ASN B 324 5.33 19.91 7.05
CA ASN B 324 5.79 18.56 6.76
C ASN B 324 4.80 17.89 5.81
N THR B 325 5.32 17.40 4.71
CA THR B 325 4.52 16.89 3.61
C THR B 325 4.76 15.39 3.43
N SER B 326 5.47 14.78 4.38
CA SER B 326 5.68 13.34 4.48
C SER B 326 6.45 12.84 3.26
N SER B 327 5.88 11.89 2.52
CA SER B 327 6.65 11.29 1.44
C SER B 327 7.04 12.32 0.36
N ALA B 328 6.26 13.38 0.19
CA ALA B 328 6.54 14.31 -0.90
C ALA B 328 7.62 15.34 -0.58
N GLY B 329 8.03 15.49 0.67
CA GLY B 329 8.87 16.62 1.06
C GLY B 329 10.15 16.72 0.27
N VAL B 330 10.87 15.60 0.13
CA VAL B 330 12.12 15.64 -0.62
C VAL B 330 11.86 15.94 -2.08
N ILE B 331 10.69 15.54 -2.62
CA ILE B 331 10.44 15.79 -4.03
C ILE B 331 10.13 17.27 -4.27
N ILE B 332 9.39 17.90 -3.35
CA ILE B 332 9.21 19.35 -3.41
C ILE B 332 10.55 20.06 -3.46
N ALA B 333 11.42 19.73 -2.49
CA ALA B 333 12.72 20.40 -2.39
C ALA B 333 13.54 20.21 -3.65
N LEU B 334 13.60 18.99 -4.16
CA LEU B 334 14.31 18.72 -5.42
C LEU B 334 13.67 19.47 -6.59
N HIS B 335 12.34 19.56 -6.59
CA HIS B 335 11.63 20.30 -7.62
C HIS B 335 11.98 21.79 -7.60
N ARG B 336 12.09 22.37 -6.41
CA ARG B 336 12.25 23.81 -6.29
C ARG B 336 13.70 24.27 -6.39
N THR B 337 14.68 23.39 -6.13
CA THR B 337 16.08 23.81 -6.11
C THR B 337 16.98 22.89 -6.92
N GLY B 338 16.42 22.06 -7.81
CA GLY B 338 17.24 21.17 -8.59
C GLY B 338 18.08 21.89 -9.62
N HIS B 339 17.54 22.97 -10.18
CA HIS B 339 18.30 23.83 -11.11
C HIS B 339 19.55 24.40 -10.46
N GLU B 340 19.60 24.48 -9.12
CA GLU B 340 20.77 24.97 -8.39
C GLU B 340 21.96 24.03 -8.49
N VAL B 341 21.82 22.90 -9.17
CA VAL B 341 22.89 21.90 -9.28
C VAL B 341 23.28 21.82 -10.75
N ASP B 342 24.53 22.20 -11.04
CA ASP B 342 25.00 22.27 -12.42
C ASP B 342 25.45 20.90 -12.91
N ASP B 343 25.66 20.80 -14.22
CA ASP B 343 26.04 19.55 -14.84
C ASP B 343 27.27 18.95 -14.16
N GLY B 344 27.22 17.65 -13.89
CA GLY B 344 28.33 16.97 -13.29
C GLY B 344 28.40 17.06 -11.79
N GLU B 345 27.50 17.82 -11.16
CA GLU B 345 27.51 17.93 -9.71
C GLU B 345 26.63 16.85 -9.07
N TYR B 346 26.89 16.59 -7.79
CA TYR B 346 26.29 15.52 -7.03
C TYR B 346 25.21 16.05 -6.09
N GLY B 347 24.16 15.25 -5.90
CA GLY B 347 23.17 15.53 -4.90
C GLY B 347 22.91 14.29 -4.05
N VAL B 348 22.25 14.52 -2.91
CA VAL B 348 21.80 13.43 -2.06
C VAL B 348 20.34 13.67 -1.70
N ILE B 349 19.48 12.71 -2.04
CA ILE B 349 18.07 12.71 -1.66
C ILE B 349 17.91 11.76 -0.49
N SER B 350 17.24 12.20 0.57
CA SER B 350 17.25 11.42 1.79
C SER B 350 15.99 11.74 2.59
N SER B 351 15.05 10.80 2.58
CA SER B 351 13.84 10.88 3.39
C SER B 351 13.95 9.99 4.62
N PHE B 352 13.14 10.31 5.63
CA PHE B 352 13.22 9.55 6.88
C PHE B 352 11.97 9.85 7.71
N GLY B 353 11.54 8.87 8.49
CA GLY B 353 10.37 9.06 9.32
C GLY B 353 9.67 7.79 9.72
N ALA B 354 8.34 7.78 9.67
CA ALA B 354 7.52 6.74 10.29
C ALA B 354 7.87 5.34 9.76
N GLY B 355 7.52 4.36 10.56
CA GLY B 355 7.99 3.02 10.42
C GLY B 355 9.26 2.78 11.18
N TYR B 356 9.96 3.87 11.47
CA TYR B 356 11.33 4.15 11.08
C TYR B 356 11.57 3.54 9.71
N SER B 357 11.52 4.43 8.73
CA SER B 357 12.09 4.20 7.41
C SER B 357 13.13 5.26 7.15
N VAL B 358 14.18 4.88 6.43
CA VAL B 358 15.13 5.81 5.86
C VAL B 358 15.38 5.37 4.42
N GLY B 359 15.36 6.33 3.49
CA GLY B 359 15.81 6.07 2.14
C GLY B 359 16.72 7.17 1.66
N SER B 360 17.87 6.82 1.07
CA SER B 360 18.88 7.80 0.70
C SER B 360 19.48 7.47 -0.66
N ILE B 361 19.58 8.48 -1.53
CA ILE B 361 19.91 8.29 -2.93
C ILE B 361 20.97 9.31 -3.33
N VAL B 362 22.07 8.82 -3.89
CA VAL B 362 23.10 9.68 -4.47
C VAL B 362 22.79 9.85 -5.95
N VAL B 363 22.74 11.11 -6.41
CA VAL B 363 22.40 11.45 -7.78
C VAL B 363 23.45 12.37 -8.35
N GLN B 364 23.48 12.44 -9.68
CA GLN B 364 24.36 13.35 -10.40
C GLN B 364 23.58 14.01 -11.51
N LYS B 365 23.75 15.33 -11.64
CA LYS B 365 23.03 16.09 -12.64
C LYS B 365 23.68 15.92 -14.01
N HIS B 366 22.87 15.82 -15.05
CA HIS B 366 23.31 15.84 -16.44
C HIS B 366 22.44 16.82 -17.22
N VAL B 367 23.05 17.59 -18.11
CA VAL B 367 22.33 18.59 -18.88
C VAL B 367 22.18 18.22 -20.36
#